data_6W35
#
_entry.id   6W35
#
_cell.length_a   75.723
_cell.length_b   77.377
_cell.length_c   94.433
_cell.angle_alpha   90.000
_cell.angle_beta   112.110
_cell.angle_gamma   90.000
#
_symmetry.space_group_name_H-M   'P 1 21 1'
#
loop_
_entity.id
_entity.type
_entity.pdbx_description
1 polymer 'Ectonucleotide pyrophosphatase/phosphodiesterase 2'
2 branched alpha-D-mannopyranose-(1-2)-alpha-D-mannopyranose-(1-3)-[alpha-D-mannopyranose-(1-6)]alpha-D-mannopyranose-(1-6)-beta-D-mannopyranose-(1-4)-2-acetamido-2-deoxy-beta-D-glucopyranose-(1-4)-2-acetamido-2-deoxy-beta-D-glucopyranose
3 non-polymer 2-acetamido-2-deoxy-beta-D-glucopyranose
4 non-polymer 2-fluoranyl-~{N}-[(2~{R})-1-[1-(2~{H}-indazol-5-yl)-3-methyl-2,4-bis(oxidanylidene)-1,3,8-triazaspiro[4.5]decan-8-yl]-3-methyl-1-oxidanylidene-butan-2-yl]-5-(trifluoromethyl)benzamide
5 non-polymer 'ZINC ION'
6 non-polymer 'CALCIUM ION'
7 non-polymer 'MAGNESIUM ION'
8 non-polymer 'THIOCYANATE ION'
9 non-polymer 'CHLORIDE ION'
10 non-polymer 'IODIDE ION'
11 water water
#
_entity_poly.entity_id   1
_entity_poly.type   'polypeptide(L)'
_entity_poly.pdbx_seq_one_letter_code
;NISGSCKGRCFELQEAGPPDCRCDNLCKSYTSCCHDFDELCLKTARGWECTKDRCGEVRNEENACHCSEDCLARGDCCTN
YQVVCKGESHWVDDDCEEIKAAECPAGFVRPPLIIFSVDGFRASYMKKGSKVMPNIEKLRSCGTHSPYMRPVYPTKTFPN
LYTLATGLYPESHGIVGNSMYDPVFDATFHLRGREKFNHRWWGGQPLWITATKQGVKAGTFFWSVVIPHERRILTILQWL
TLPDHERPSVYAFYSEQPDFSGHKYGPFGPEMTNPLREIDKIVGQLMDGLKQLKLHRCVNVIFVGDHGMEDVTCDRTEFL
SNYLTNVDDITLVPGTLGRIRSKFSNNAKYDPKAIIANLTCKKPDQHFKPYLKQHLPKRLHYANNRRIEDIHLLVERRWH
VARKPLDVYKKPSGKCFFQGDHGFDNKVNSMQTVFVGYGPTFKYKTKVPPFENIELYNVMCDLLGLKPAPNNGTHGSLNH
LLRTNTFRPTMPEEVTRPNYPGIMYLQSDFDLGCTCDDKNKLDELNKRLHTKGSTEERHLLYGRPAVLYRTRYDILYHTD
FESGYSEIFLMPLWTSYTVSKQAEVSSVPDHLTSCVRPDVRVSPSFSQNCLAYKNDKQMSYGFLFPPYLSSSPEAKYDAF
LVTNMVPMYPAFKRVWNYFQRVLVKKYASERNGVNVISGPIFDYDYDGLHDTEDKIKQYVEGSSIPVPTHYYSIITSCLD
FTQPADKCDGPLSVSSFILPHRPDNEESCNSSEDESKWVEELMKMHTARVRDIEHLTSLDFFRKTSRSYPEILTLKTYLH
TYESEILVPRGSHHHHHH
;
_entity_poly.pdbx_strand_id   A
#
loop_
_chem_comp.id
_chem_comp.type
_chem_comp.name
_chem_comp.formula
BMA D-saccharide, beta linking beta-D-mannopyranose 'C6 H12 O6'
CA non-polymer 'CALCIUM ION' 'Ca 2'
CL non-polymer 'CHLORIDE ION' 'Cl -1'
IOD non-polymer 'IODIDE ION' 'I -1'
MAN D-saccharide, alpha linking alpha-D-mannopyranose 'C6 H12 O6'
MG non-polymer 'MAGNESIUM ION' 'Mg 2'
NAG D-saccharide, beta linking 2-acetamido-2-deoxy-beta-D-glucopyranose 'C8 H15 N O6'
SCN non-polymer 'THIOCYANATE ION' 'C N S -1'
SKV non-polymer 2-fluoranyl-~{N}-[(2~{R})-1-[1-(2~{H}-indazol-5-yl)-3-methyl-2,4-bis(oxidanylidene)-1,3,8-triazaspiro[4.5]decan-8-yl]-3-methyl-1-oxidanylidene-butan-2-yl]-5-(trifluoromethyl)benzamide 'C28 H28 F4 N6 O4'
ZN non-polymer 'ZINC ION' 'Zn 2'
#
# COMPACT_ATOMS: atom_id res chain seq x y z
N ASN A 1 -43.10 3.66 -5.02
CA ASN A 1 -44.25 4.56 -4.67
C ASN A 1 -43.99 5.30 -3.36
N ILE A 2 -44.01 6.63 -3.42
CA ILE A 2 -43.57 7.52 -2.31
C ILE A 2 -44.71 8.09 -1.44
N SER A 3 -45.94 7.60 -1.61
CA SER A 3 -47.11 8.03 -0.82
C SER A 3 -47.02 7.66 0.66
N GLY A 4 -46.12 6.74 1.00
CA GLY A 4 -45.80 6.40 2.40
C GLY A 4 -45.10 7.52 3.14
N SER A 5 -44.99 7.34 4.45
CA SER A 5 -44.50 8.37 5.36
C SER A 5 -43.23 7.96 6.10
N CYS A 6 -42.47 8.98 6.52
CA CYS A 6 -41.23 8.79 7.29
C CYS A 6 -41.45 9.04 8.79
N LYS A 7 -42.70 9.22 9.22
CA LYS A 7 -43.01 9.56 10.61
C LYS A 7 -42.45 8.52 11.56
N GLY A 8 -41.56 8.96 12.44
CA GLY A 8 -40.97 8.09 13.45
C GLY A 8 -40.01 7.02 12.93
N ARG A 9 -39.50 7.21 11.72
CA ARG A 9 -38.53 6.28 11.13
C ARG A 9 -37.37 6.98 10.37
N CYS A 10 -37.14 8.26 10.69
CA CYS A 10 -36.07 9.03 10.11
C CYS A 10 -34.73 8.37 10.40
N PHE A 11 -33.97 8.11 9.35
CA PHE A 11 -32.66 7.48 9.46
C PHE A 11 -32.67 6.13 10.19
N GLU A 12 -33.73 5.36 9.97
CA GLU A 12 -33.83 3.98 10.43
C GLU A 12 -32.72 3.15 9.80
N LEU A 13 -32.38 2.06 10.45
CA LEU A 13 -31.26 1.21 10.02
C LEU A 13 -31.75 -0.08 9.33
N GLN A 14 -32.76 0.07 8.47
CA GLN A 14 -33.48 -1.03 7.84
C GLN A 14 -33.01 -1.22 6.40
N PRO A 19 -39.57 -1.01 -3.52
CA PRO A 19 -41.04 -0.96 -3.47
C PRO A 19 -41.60 0.05 -2.44
N ASP A 20 -41.28 -0.17 -1.17
CA ASP A 20 -41.71 0.74 -0.09
C ASP A 20 -40.75 1.93 -0.04
N CYS A 21 -41.24 3.09 0.39
CA CYS A 21 -40.41 4.30 0.41
C CYS A 21 -39.36 4.27 1.56
N ARG A 22 -38.25 4.96 1.35
CA ARG A 22 -37.13 4.96 2.30
C ARG A 22 -36.96 6.27 3.05
N CYS A 23 -36.30 6.18 4.21
CA CYS A 23 -36.03 7.34 5.07
C CYS A 23 -34.60 7.31 5.60
N ASP A 24 -33.70 6.73 4.83
CA ASP A 24 -32.37 6.37 5.34
C ASP A 24 -31.32 7.26 4.70
N ASN A 25 -30.07 7.03 5.12
CA ASN A 25 -28.86 7.74 4.70
C ASN A 25 -28.72 8.01 3.23
N LEU A 26 -29.09 7.01 2.43
CA LEU A 26 -28.85 7.00 1.00
C LEU A 26 -30.06 7.10 0.13
N CYS A 27 -31.25 7.22 0.70
CA CYS A 27 -32.49 7.29 -0.08
C CYS A 27 -32.48 8.42 -1.12
N LYS A 28 -31.84 9.55 -0.78
CA LYS A 28 -31.70 10.68 -1.70
C LYS A 28 -30.91 10.26 -2.96
N SER A 29 -29.80 9.54 -2.77
CA SER A 29 -28.99 9.02 -3.89
C SER A 29 -29.71 8.04 -4.81
N TYR A 30 -30.56 7.21 -4.22
CA TYR A 30 -31.36 6.22 -4.95
C TYR A 30 -32.72 6.76 -5.42
N THR A 31 -32.99 8.04 -5.17
CA THR A 31 -34.24 8.73 -5.49
C THR A 31 -35.49 8.01 -4.94
N SER A 32 -35.35 7.40 -3.77
CA SER A 32 -36.37 6.49 -3.20
C SER A 32 -36.95 6.94 -1.86
N CYS A 33 -36.71 8.19 -1.47
CA CYS A 33 -37.22 8.69 -0.21
C CYS A 33 -38.73 8.88 -0.25
N CYS A 34 -39.38 8.74 0.90
CA CYS A 34 -40.79 9.08 1.04
C CYS A 34 -40.97 10.58 0.76
N HIS A 35 -42.20 10.95 0.42
CA HIS A 35 -42.55 12.33 0.09
C HIS A 35 -42.18 13.34 1.20
N ASP A 36 -42.37 12.93 2.44
CA ASP A 36 -42.12 13.79 3.62
C ASP A 36 -40.74 13.55 4.27
N PHE A 37 -39.78 13.02 3.52
CA PHE A 37 -38.42 12.85 4.02
C PHE A 37 -37.78 14.21 4.29
N ASP A 38 -37.76 15.09 3.29
CA ASP A 38 -37.23 16.46 3.44
C ASP A 38 -37.84 17.15 4.66
N GLU A 39 -39.16 17.06 4.78
CA GLU A 39 -39.94 17.76 5.79
C GLU A 39 -39.64 17.25 7.20
N LEU A 40 -39.80 15.95 7.43
CA LEU A 40 -39.63 15.34 8.75
C LEU A 40 -38.19 15.05 9.20
N CYS A 41 -37.33 14.64 8.27
CA CYS A 41 -35.97 14.14 8.59
C CYS A 41 -34.79 15.11 8.35
N LEU A 42 -34.96 16.07 7.44
CA LEU A 42 -33.90 17.05 7.09
C LEU A 42 -34.27 18.46 7.59
N LYS A 43 -34.66 18.51 8.85
CA LYS A 43 -35.15 19.73 9.47
C LYS A 43 -33.96 20.66 9.74
N THR A 44 -34.12 21.94 9.38
CA THR A 44 -33.06 22.97 9.51
C THR A 44 -33.44 24.20 10.37
N ALA A 45 -34.69 24.27 10.84
CA ALA A 45 -35.17 25.47 11.55
C ALA A 45 -34.35 25.78 12.80
N ARG A 46 -33.87 27.03 12.87
CA ARG A 46 -33.09 27.60 13.98
C ARG A 46 -31.65 27.09 14.06
N GLY A 47 -31.18 26.43 13.01
CA GLY A 47 -29.79 26.06 12.94
C GLY A 47 -29.42 24.95 13.89
N TRP A 48 -28.14 24.88 14.20
CA TRP A 48 -27.51 23.72 14.81
C TRP A 48 -27.01 23.96 16.22
N GLU A 49 -27.26 25.14 16.77
CA GLU A 49 -26.69 25.58 18.05
C GLU A 49 -27.77 26.09 18.99
N CYS A 50 -27.78 25.60 20.22
CA CYS A 50 -28.60 26.20 21.27
C CYS A 50 -28.09 27.61 21.57
N THR A 51 -29.05 28.53 21.78
CA THR A 51 -28.77 29.88 22.25
C THR A 51 -29.27 29.96 23.68
N LYS A 52 -28.86 31.01 24.39
CA LYS A 52 -29.16 31.10 25.83
C LYS A 52 -30.66 31.27 26.08
N ASP A 53 -31.36 32.01 25.21
CA ASP A 53 -32.84 32.12 25.27
C ASP A 53 -33.58 30.78 25.07
N ARG A 54 -33.02 29.90 24.22
CA ARG A 54 -33.63 28.61 23.94
C ARG A 54 -33.56 27.56 25.07
N CYS A 55 -32.77 27.82 26.10
CA CYS A 55 -32.61 26.86 27.20
C CYS A 55 -33.89 26.65 27.98
N GLY A 56 -34.25 25.39 28.20
CA GLY A 56 -35.50 25.02 28.86
C GLY A 56 -36.75 25.38 28.08
N GLU A 57 -36.67 25.36 26.75
CA GLU A 57 -37.82 25.63 25.88
C GLU A 57 -38.84 24.51 25.94
N VAL A 58 -40.07 24.82 25.54
CA VAL A 58 -41.09 23.80 25.28
C VAL A 58 -40.78 23.23 23.89
N ARG A 59 -40.79 21.90 23.77
CA ARG A 59 -40.32 21.22 22.55
C ARG A 59 -41.17 21.56 21.31
N ASN A 60 -40.49 22.01 20.25
CA ASN A 60 -41.09 22.26 18.93
C ASN A 60 -40.54 21.22 17.95
N GLU A 61 -41.45 20.50 17.29
CA GLU A 61 -41.08 19.50 16.28
C GLU A 61 -40.48 20.12 14.99
N GLU A 62 -40.69 21.43 14.77
CA GLU A 62 -40.08 22.15 13.63
C GLU A 62 -38.55 22.28 13.68
N ASN A 63 -37.94 22.18 14.86
CA ASN A 63 -36.53 22.52 15.05
C ASN A 63 -35.56 21.43 14.61
N ALA A 64 -34.44 21.85 14.04
CA ALA A 64 -33.36 20.95 13.65
C ALA A 64 -32.82 20.14 14.83
N CYS A 65 -32.67 20.81 15.96
CA CYS A 65 -32.22 20.18 17.20
C CYS A 65 -32.79 20.95 18.39
N HIS A 66 -32.74 20.33 19.56
CA HIS A 66 -33.56 20.79 20.68
C HIS A 66 -32.75 21.26 21.90
N CYS A 67 -33.39 22.13 22.69
CA CYS A 67 -32.78 22.72 23.89
C CYS A 67 -33.72 22.60 25.10
N SER A 68 -34.64 21.64 25.03
CA SER A 68 -35.63 21.38 26.09
C SER A 68 -35.03 20.35 27.04
N GLU A 69 -35.52 20.31 28.28
CA GLU A 69 -34.95 19.41 29.31
C GLU A 69 -35.08 17.90 28.98
N ASP A 70 -36.04 17.54 28.15
CA ASP A 70 -36.19 16.14 27.68
C ASP A 70 -35.19 15.69 26.60
N CYS A 71 -34.54 16.63 25.92
CA CYS A 71 -33.71 16.33 24.76
C CYS A 71 -32.63 15.30 25.08
N LEU A 72 -31.99 15.42 26.25
CA LEU A 72 -30.87 14.53 26.65
C LEU A 72 -31.33 13.08 26.75
N ALA A 73 -32.52 12.88 27.32
CA ALA A 73 -33.19 11.57 27.34
C ALA A 73 -33.55 11.10 25.93
N ARG A 74 -34.14 11.98 25.13
CA ARG A 74 -34.52 11.66 23.75
C ARG A 74 -33.35 11.54 22.77
N GLY A 75 -32.16 11.99 23.18
CA GLY A 75 -30.96 11.92 22.37
C GLY A 75 -30.93 12.84 21.16
N ASP A 76 -31.66 13.96 21.22
CA ASP A 76 -31.72 14.89 20.08
C ASP A 76 -31.49 16.36 20.45
N CYS A 77 -30.64 16.59 21.46
CA CYS A 77 -30.16 17.91 21.78
C CYS A 77 -29.23 18.43 20.69
N CYS A 78 -29.18 19.75 20.50
CA CYS A 78 -28.09 20.35 19.77
C CYS A 78 -26.82 20.01 20.54
N THR A 79 -25.71 19.87 19.85
CA THR A 79 -24.51 19.34 20.49
C THR A 79 -23.89 20.25 21.54
N ASN A 80 -24.20 21.55 21.49
CA ASN A 80 -23.68 22.52 22.45
C ASN A 80 -24.65 22.81 23.62
N TYR A 81 -25.64 21.94 23.82
CA TYR A 81 -26.76 22.19 24.75
C TYR A 81 -26.31 22.28 26.21
N GLN A 82 -25.49 21.33 26.64
CA GLN A 82 -24.93 21.33 28.01
C GLN A 82 -23.94 22.48 28.25
N VAL A 83 -23.22 22.88 27.21
CA VAL A 83 -22.30 24.01 27.29
C VAL A 83 -23.06 25.31 27.51
N VAL A 84 -24.02 25.57 26.64
CA VAL A 84 -24.83 26.80 26.67
C VAL A 84 -25.81 26.82 27.85
N CYS A 85 -26.50 25.72 28.09
CA CYS A 85 -27.59 25.70 29.06
C CYS A 85 -27.20 25.24 30.46
N LYS A 86 -26.25 24.32 30.58
CA LYS A 86 -25.86 23.78 31.90
C LYS A 86 -24.44 24.18 32.35
N GLY A 87 -23.88 25.23 31.74
CA GLY A 87 -22.55 25.74 32.12
C GLY A 87 -21.33 24.85 31.91
N GLU A 88 -21.47 23.78 31.12
CA GLU A 88 -20.38 22.84 30.88
C GLU A 88 -19.31 23.45 29.97
N SER A 89 -18.16 22.80 29.93
CA SER A 89 -17.05 23.18 29.05
C SER A 89 -17.12 22.39 27.75
N HIS A 90 -16.73 23.00 26.63
CA HIS A 90 -16.48 22.27 25.40
C HIS A 90 -15.42 21.18 25.65
N TRP A 91 -15.52 20.08 24.94
CA TRP A 91 -14.56 18.98 25.04
C TRP A 91 -13.10 19.46 24.78
N VAL A 92 -12.92 20.30 23.76
CA VAL A 92 -11.57 20.81 23.42
C VAL A 92 -10.91 21.61 24.54
N ASP A 93 -11.71 22.32 25.32
CA ASP A 93 -11.22 23.17 26.41
C ASP A 93 -10.77 22.37 27.63
N ASP A 94 -11.24 21.13 27.76
CA ASP A 94 -10.79 20.20 28.80
C ASP A 94 -9.33 19.79 28.60
N ASP A 95 -8.65 19.54 29.70
CA ASP A 95 -7.28 19.01 29.68
C ASP A 95 -7.27 17.63 29.09
N CYS A 96 -6.13 17.27 28.53
CA CYS A 96 -5.89 15.93 28.05
C CYS A 96 -5.81 14.97 29.26
N GLU A 97 -6.60 13.91 29.25
CA GLU A 97 -6.66 12.95 30.37
C GLU A 97 -6.62 11.54 29.78
N GLU A 98 -5.64 10.76 30.19
CA GLU A 98 -5.51 9.38 29.80
C GLU A 98 -6.82 8.57 30.01
N ILE A 99 -7.16 7.76 29.03
CA ILE A 99 -8.30 6.84 29.12
C ILE A 99 -7.69 5.45 29.30
N LYS A 100 -7.58 5.03 30.55
CA LYS A 100 -6.93 3.77 30.90
C LYS A 100 -7.86 2.57 30.71
N ALA A 101 -9.17 2.81 30.71
CA ALA A 101 -10.16 1.82 30.27
C ALA A 101 -11.46 2.49 29.82
N ALA A 102 -12.24 1.77 29.01
CA ALA A 102 -13.49 2.29 28.43
C ALA A 102 -14.57 2.60 29.48
N GLU A 103 -14.99 3.86 29.54
CA GLU A 103 -16.01 4.32 30.49
C GLU A 103 -17.34 4.48 29.74
N CYS A 104 -17.98 3.35 29.48
CA CYS A 104 -19.21 3.28 28.73
C CYS A 104 -20.44 3.14 29.65
N PRO A 105 -21.63 3.56 29.16
CA PRO A 105 -22.84 3.32 29.95
C PRO A 105 -23.20 1.85 30.14
N ALA A 106 -24.20 1.65 31.01
CA ALA A 106 -24.76 0.34 31.31
C ALA A 106 -25.30 -0.33 30.04
N GLY A 107 -24.91 -1.57 29.83
CA GLY A 107 -25.36 -2.35 28.67
C GLY A 107 -24.63 -2.10 27.36
N PHE A 108 -23.56 -1.32 27.40
CA PHE A 108 -22.58 -1.33 26.30
C PHE A 108 -21.71 -2.58 26.47
N VAL A 109 -21.61 -3.34 25.39
CA VAL A 109 -20.90 -4.64 25.34
C VAL A 109 -19.44 -4.46 24.92
N ARG A 110 -19.20 -3.47 24.08
CA ARG A 110 -17.86 -3.13 23.62
C ARG A 110 -17.82 -1.62 23.33
N PRO A 111 -16.63 -0.99 23.40
CA PRO A 111 -16.53 0.42 23.03
C PRO A 111 -16.93 0.63 21.56
N PRO A 112 -17.82 1.60 21.25
CA PRO A 112 -18.12 1.82 19.84
C PRO A 112 -16.94 2.39 19.06
N LEU A 113 -16.94 2.19 17.74
CA LEU A 113 -16.00 2.86 16.81
C LEU A 113 -16.71 3.88 15.90
N ILE A 114 -16.25 5.12 15.92
CA ILE A 114 -16.63 6.12 14.93
C ILE A 114 -15.44 6.50 14.03
N ILE A 115 -15.63 6.30 12.74
CA ILE A 115 -14.65 6.68 11.75
C ILE A 115 -15.11 8.03 11.16
N PHE A 116 -14.22 9.03 11.23
CA PHE A 116 -14.50 10.36 10.72
C PHE A 116 -13.57 10.50 9.51
N SER A 117 -14.16 10.33 8.33
CA SER A 117 -13.42 10.34 7.07
C SER A 117 -13.59 11.65 6.32
N VAL A 118 -12.47 12.13 5.81
CA VAL A 118 -12.37 13.41 5.14
C VAL A 118 -11.73 13.18 3.78
N ASP A 119 -12.02 14.09 2.88
CA ASP A 119 -11.73 13.92 1.49
C ASP A 119 -10.68 14.94 1.05
N GLY A 120 -9.51 14.44 0.62
CA GLY A 120 -8.49 15.32 0.10
C GLY A 120 -7.78 16.10 1.18
N PHE A 121 -7.76 15.54 2.40
CA PHE A 121 -7.05 16.10 3.53
C PHE A 121 -5.59 15.67 3.47
N ARG A 122 -4.79 16.55 2.92
CA ARG A 122 -3.37 16.39 2.87
C ARG A 122 -2.73 16.33 4.27
N ALA A 123 -1.74 15.43 4.43
CA ALA A 123 -1.00 15.30 5.70
C ALA A 123 -0.47 16.62 6.22
N SER A 124 0.07 17.44 5.33
CA SER A 124 0.62 18.74 5.73
C SER A 124 -0.38 19.73 6.32
N TYR A 125 -1.67 19.55 6.05
CA TYR A 125 -2.69 20.42 6.67
C TYR A 125 -2.67 20.31 8.19
N MET A 126 -2.26 19.16 8.74
CA MET A 126 -2.05 19.03 10.20
C MET A 126 -1.04 20.01 10.82
N LYS A 127 -0.11 20.53 10.01
CA LYS A 127 0.82 21.55 10.47
C LYS A 127 0.19 22.92 10.78
N LYS A 128 -1.05 23.16 10.33
CA LYS A 128 -1.81 24.34 10.75
C LYS A 128 -2.09 24.36 12.27
N GLY A 129 -2.38 23.19 12.83
CA GLY A 129 -2.46 23.00 14.27
C GLY A 129 -3.69 23.64 14.90
N SER A 130 -3.56 23.96 16.20
CA SER A 130 -4.70 24.40 17.01
C SER A 130 -5.23 25.80 16.67
N LYS A 131 -4.44 26.63 15.99
CA LYS A 131 -4.92 27.95 15.55
C LYS A 131 -6.07 27.81 14.55
N VAL A 132 -6.03 26.77 13.72
CA VAL A 132 -7.03 26.52 12.69
C VAL A 132 -7.98 25.40 13.09
N MET A 133 -7.43 24.30 13.61
CA MET A 133 -8.20 23.07 13.90
C MET A 133 -7.98 22.57 15.35
N PRO A 134 -8.53 23.27 16.34
CA PRO A 134 -8.23 22.91 17.73
C PRO A 134 -8.75 21.53 18.16
N ASN A 135 -9.92 21.12 17.67
CA ASN A 135 -10.45 19.81 18.02
C ASN A 135 -9.63 18.67 17.48
N ILE A 136 -9.31 18.76 16.19
CA ILE A 136 -8.50 17.80 15.50
C ILE A 136 -7.13 17.73 16.20
N GLU A 137 -6.57 18.88 16.56
CA GLU A 137 -5.25 18.94 17.19
C GLU A 137 -5.22 18.27 18.57
N LYS A 138 -6.30 18.38 19.33
CA LYS A 138 -6.41 17.68 20.61
C LYS A 138 -6.48 16.19 20.34
N LEU A 139 -7.30 15.77 19.37
CA LEU A 139 -7.37 14.36 19.04
C LEU A 139 -5.95 13.81 18.71
N ARG A 140 -5.25 14.54 17.82
CA ARG A 140 -3.91 14.19 17.34
C ARG A 140 -2.88 14.10 18.50
N SER A 141 -2.79 15.15 19.31
CA SER A 141 -1.83 15.20 20.43
C SER A 141 -2.16 14.31 21.62
N CYS A 142 -3.45 14.10 21.92
CA CYS A 142 -3.83 13.23 23.04
C CYS A 142 -3.84 11.76 22.74
N GLY A 143 -4.09 11.42 21.48
CA GLY A 143 -4.31 10.04 21.07
C GLY A 143 -3.04 9.52 20.40
N THR A 144 -3.25 8.64 19.41
CA THR A 144 -2.22 8.00 18.62
C THR A 144 -2.26 8.61 17.23
N HIS A 145 -1.14 9.07 16.71
CA HIS A 145 -1.08 9.69 15.38
C HIS A 145 0.19 9.27 14.66
N SER A 146 0.16 9.32 13.33
CA SER A 146 1.36 9.19 12.52
C SER A 146 1.63 10.51 11.79
N PRO A 147 2.90 10.78 11.39
CA PRO A 147 3.15 11.96 10.52
C PRO A 147 2.29 11.99 9.24
N TYR A 148 1.96 10.82 8.69
CA TYR A 148 1.11 10.70 7.50
C TYR A 148 0.69 9.26 7.35
N MET A 149 -0.31 9.03 6.50
CA MET A 149 -0.75 7.69 6.12
C MET A 149 -0.64 7.58 4.57
N ARG A 150 -0.14 6.47 4.07
CA ARG A 150 -0.05 6.28 2.60
C ARG A 150 -1.37 5.77 2.01
N PRO A 151 -1.91 6.49 1.01
CA PRO A 151 -3.08 5.99 0.29
C PRO A 151 -2.72 4.87 -0.67
N VAL A 152 -3.72 4.32 -1.35
CA VAL A 152 -3.47 3.39 -2.48
C VAL A 152 -3.52 4.14 -3.83
N TYR A 153 -2.81 3.61 -4.82
CA TYR A 153 -2.92 4.08 -6.20
C TYR A 153 -4.14 3.50 -6.89
N PRO A 154 -4.90 4.31 -7.66
CA PRO A 154 -4.75 5.74 -7.90
C PRO A 154 -5.26 6.51 -6.69
N THR A 155 -4.66 7.66 -6.43
CA THR A 155 -4.96 8.47 -5.25
C THR A 155 -6.22 9.30 -5.45
N LYS A 156 -7.31 8.56 -5.58
CA LYS A 156 -8.67 9.08 -5.85
C LYS A 156 -9.61 8.58 -4.76
N THR A 157 -10.78 9.16 -4.71
CA THR A 157 -11.67 8.99 -3.57
C THR A 157 -12.22 7.57 -3.40
N PHE A 158 -12.91 7.09 -4.42
CA PHE A 158 -13.61 5.80 -4.31
C PHE A 158 -12.63 4.62 -4.11
N PRO A 159 -11.54 4.58 -4.88
CA PRO A 159 -10.60 3.47 -4.59
C PRO A 159 -10.08 3.44 -3.14
N ASN A 160 -9.79 4.63 -2.61
CA ASN A 160 -9.30 4.77 -1.25
C ASN A 160 -10.30 4.58 -0.16
N LEU A 161 -11.50 5.16 -0.27
CA LEU A 161 -12.52 4.90 0.74
C LEU A 161 -12.79 3.41 0.84
N TYR A 162 -12.91 2.75 -0.32
CA TYR A 162 -13.29 1.35 -0.34
C TYR A 162 -12.12 0.48 0.09
N THR A 163 -10.88 0.91 -0.25
CA THR A 163 -9.68 0.26 0.32
C THR A 163 -9.66 0.38 1.86
N LEU A 164 -9.89 1.58 2.38
CA LEU A 164 -10.01 1.75 3.84
C LEU A 164 -11.01 0.75 4.47
N ALA A 165 -12.17 0.59 3.83
CA ALA A 165 -13.26 -0.30 4.34
C ALA A 165 -13.01 -1.79 4.24
N THR A 166 -12.15 -2.21 3.30
CA THR A 166 -11.95 -3.62 2.99
C THR A 166 -10.59 -4.19 3.30
N GLY A 167 -9.56 -3.34 3.39
CA GLY A 167 -8.17 -3.82 3.51
C GLY A 167 -7.54 -4.36 2.25
N LEU A 168 -8.16 -4.04 1.12
CA LEU A 168 -7.82 -4.63 -0.15
C LEU A 168 -7.29 -3.60 -1.08
N TYR A 169 -6.30 -4.02 -1.87
CA TYR A 169 -5.84 -3.19 -2.98
C TYR A 169 -7.04 -3.03 -3.95
N PRO A 170 -7.12 -1.89 -4.65
CA PRO A 170 -8.16 -1.71 -5.69
C PRO A 170 -8.29 -2.81 -6.77
N GLU A 171 -7.17 -3.44 -7.16
CA GLU A 171 -7.20 -4.51 -8.11
C GLU A 171 -7.97 -5.72 -7.54
N SER A 172 -8.03 -5.85 -6.22
CA SER A 172 -8.79 -6.94 -5.59
C SER A 172 -10.24 -6.60 -5.27
N HIS A 173 -10.50 -5.41 -4.78
CA HIS A 173 -11.87 -4.99 -4.48
C HIS A 173 -12.69 -4.55 -5.70
N GLY A 174 -12.01 -4.21 -6.80
CA GLY A 174 -12.68 -3.88 -8.06
C GLY A 174 -12.93 -2.42 -8.38
N ILE A 175 -12.82 -1.55 -7.39
CA ILE A 175 -12.92 -0.09 -7.62
C ILE A 175 -11.54 0.47 -7.97
N VAL A 176 -11.15 0.29 -9.23
CA VAL A 176 -9.82 0.63 -9.74
C VAL A 176 -9.69 2.09 -10.13
N GLY A 177 -10.82 2.79 -10.17
CA GLY A 177 -10.84 4.22 -10.34
C GLY A 177 -12.22 4.78 -10.02
N ASN A 178 -12.32 6.12 -9.99
CA ASN A 178 -13.64 6.78 -9.97
C ASN A 178 -14.46 6.48 -11.26
N SER A 179 -13.74 6.32 -12.38
CA SER A 179 -14.29 5.92 -13.67
C SER A 179 -13.66 4.60 -14.05
N MET A 180 -14.44 3.65 -14.57
CA MET A 180 -13.89 2.33 -15.02
C MET A 180 -14.71 1.79 -16.15
N TYR A 181 -14.06 1.05 -17.06
CA TYR A 181 -14.78 0.26 -18.04
C TYR A 181 -14.45 -1.24 -17.79
N ASP A 182 -15.49 -2.05 -17.65
CA ASP A 182 -15.33 -3.49 -17.52
C ASP A 182 -15.70 -4.04 -18.92
N PRO A 183 -14.75 -4.66 -19.63
CA PRO A 183 -15.04 -5.15 -21.02
C PRO A 183 -15.89 -6.40 -21.07
N VAL A 184 -16.04 -7.09 -19.95
CA VAL A 184 -16.88 -8.26 -19.86
C VAL A 184 -18.34 -7.84 -19.62
N PHE A 185 -18.58 -6.92 -18.70
CA PHE A 185 -19.92 -6.31 -18.55
C PHE A 185 -20.31 -5.46 -19.76
N ASP A 186 -19.30 -4.91 -20.43
CA ASP A 186 -19.47 -3.88 -21.46
C ASP A 186 -20.24 -2.71 -20.86
N ALA A 187 -19.76 -2.22 -19.73
CA ALA A 187 -20.40 -1.12 -19.02
C ALA A 187 -19.33 -0.23 -18.39
N THR A 188 -19.67 1.05 -18.25
CA THR A 188 -18.77 2.02 -17.67
C THR A 188 -19.29 2.51 -16.34
N PHE A 189 -18.44 2.45 -15.32
CA PHE A 189 -18.74 2.96 -13.99
C PHE A 189 -18.26 4.41 -13.92
N HIS A 190 -19.10 5.28 -13.37
CA HIS A 190 -18.75 6.69 -13.04
C HIS A 190 -19.27 7.09 -11.66
N LEU A 191 -18.71 8.17 -11.13
CA LEU A 191 -19.26 8.84 -9.95
C LEU A 191 -20.70 9.33 -10.12
N ARG A 192 -21.05 9.75 -11.33
CA ARG A 192 -22.38 10.21 -11.62
C ARG A 192 -23.21 9.15 -12.33
N GLY A 193 -24.49 9.09 -11.94
CA GLY A 193 -25.45 8.18 -12.55
C GLY A 193 -25.61 6.91 -11.72
N ARG A 194 -26.36 5.98 -12.30
CA ARG A 194 -26.87 4.78 -11.62
C ARG A 194 -26.04 3.51 -11.82
N GLU A 195 -25.14 3.47 -12.80
CA GLU A 195 -24.30 2.26 -13.04
C GLU A 195 -23.55 1.78 -11.78
N LYS A 196 -22.99 2.73 -11.03
CA LYS A 196 -22.28 2.51 -9.77
C LYS A 196 -23.09 1.83 -8.67
N PHE A 197 -24.42 1.91 -8.77
CA PHE A 197 -25.31 1.19 -7.85
C PHE A 197 -25.38 -0.33 -8.09
N ASN A 198 -24.94 -0.82 -9.24
CA ASN A 198 -24.88 -2.25 -9.46
C ASN A 198 -23.86 -2.94 -8.53
N HIS A 199 -24.31 -3.96 -7.80
CA HIS A 199 -23.47 -4.74 -6.88
C HIS A 199 -22.23 -5.40 -7.51
N ARG A 200 -22.30 -5.69 -8.80
CA ARG A 200 -21.22 -6.35 -9.53
C ARG A 200 -19.86 -5.61 -9.49
N TRP A 201 -19.91 -4.29 -9.30
CA TRP A 201 -18.71 -3.51 -9.20
C TRP A 201 -17.93 -3.68 -7.89
N TRP A 202 -18.64 -3.97 -6.80
CA TRP A 202 -18.12 -3.80 -5.45
C TRP A 202 -17.75 -5.16 -4.90
N GLY A 203 -16.46 -5.47 -5.00
CA GLY A 203 -15.91 -6.73 -4.48
C GLY A 203 -15.43 -6.62 -3.04
N GLY A 204 -14.92 -7.71 -2.53
CA GLY A 204 -14.41 -7.76 -1.17
C GLY A 204 -15.52 -7.71 -0.14
N GLN A 205 -15.13 -7.61 1.13
CA GLN A 205 -16.06 -7.58 2.24
C GLN A 205 -15.76 -6.36 3.08
N PRO A 206 -16.55 -5.29 2.92
CA PRO A 206 -16.28 -4.10 3.72
C PRO A 206 -16.64 -4.28 5.17
N LEU A 207 -16.11 -3.40 6.01
CA LEU A 207 -16.20 -3.53 7.47
C LEU A 207 -17.63 -3.72 8.00
N TRP A 208 -18.56 -2.94 7.46
CA TRP A 208 -19.98 -3.00 7.89
C TRP A 208 -20.57 -4.39 7.69
N ILE A 209 -20.12 -5.08 6.64
CA ILE A 209 -20.54 -6.45 6.38
C ILE A 209 -19.84 -7.42 7.31
N THR A 210 -18.53 -7.26 7.49
CA THR A 210 -17.79 -8.14 8.39
C THR A 210 -18.44 -8.11 9.77
N ALA A 211 -18.77 -6.91 10.23
CA ALA A 211 -19.39 -6.72 11.54
C ALA A 211 -20.74 -7.42 11.58
N THR A 212 -21.60 -7.10 10.62
CA THR A 212 -22.96 -7.67 10.55
C THR A 212 -22.96 -9.17 10.48
N LYS A 213 -22.03 -9.75 9.72
CA LYS A 213 -21.94 -11.20 9.61
C LYS A 213 -21.61 -11.86 10.96
N GLN A 214 -20.84 -11.16 11.81
CA GLN A 214 -20.43 -11.66 13.10
C GLN A 214 -21.24 -11.12 14.27
N GLY A 215 -22.47 -10.64 14.01
CA GLY A 215 -23.37 -10.16 15.05
C GLY A 215 -23.04 -8.82 15.67
N VAL A 216 -22.30 -7.98 14.97
CA VAL A 216 -21.94 -6.66 15.47
C VAL A 216 -22.60 -5.63 14.56
N LYS A 217 -23.53 -4.87 15.12
CA LYS A 217 -24.41 -4.00 14.35
C LYS A 217 -23.64 -2.77 13.82
N ALA A 218 -23.83 -2.45 12.54
CA ALA A 218 -23.18 -1.30 11.89
C ALA A 218 -24.15 -0.19 11.46
N GLY A 219 -23.76 1.06 11.68
CA GLY A 219 -24.46 2.23 11.12
C GLY A 219 -24.03 2.35 9.67
N THR A 220 -24.86 3.00 8.84
CA THR A 220 -24.53 3.18 7.41
C THR A 220 -23.40 4.21 7.25
N PHE A 221 -22.32 3.79 6.55
CA PHE A 221 -21.06 4.55 6.46
C PHE A 221 -21.09 5.79 5.57
N PHE A 222 -21.82 5.72 4.46
CA PHE A 222 -21.83 6.77 3.48
C PHE A 222 -23.13 7.56 3.63
N TRP A 223 -23.13 8.80 3.17
CA TRP A 223 -24.20 9.76 3.33
C TRP A 223 -24.49 10.45 2.00
N SER A 224 -25.77 10.61 1.65
CA SER A 224 -26.14 11.40 0.45
C SER A 224 -25.65 12.84 0.64
N VAL A 225 -25.12 13.44 -0.43
CA VAL A 225 -24.38 14.69 -0.35
C VAL A 225 -25.22 15.83 0.19
N VAL A 226 -26.53 15.80 -0.08
CA VAL A 226 -27.45 16.84 0.35
C VAL A 226 -27.73 16.86 1.84
N ILE A 227 -27.36 15.81 2.58
CA ILE A 227 -27.57 15.80 4.01
C ILE A 227 -26.46 16.68 4.64
N PRO A 228 -26.83 17.79 5.29
CA PRO A 228 -25.79 18.64 5.88
C PRO A 228 -24.91 17.91 6.91
N HIS A 229 -23.65 18.28 7.06
CA HIS A 229 -22.74 17.57 7.97
C HIS A 229 -23.21 17.54 9.42
N GLU A 230 -23.86 18.60 9.86
CA GLU A 230 -24.37 18.73 11.23
C GLU A 230 -25.46 17.71 11.52
N ARG A 231 -26.26 17.40 10.50
CA ARG A 231 -27.29 16.39 10.58
C ARG A 231 -26.69 14.97 10.60
N ARG A 232 -25.57 14.77 9.89
CA ARG A 232 -24.88 13.47 9.90
C ARG A 232 -24.40 13.11 11.31
N ILE A 233 -23.81 14.11 11.98
CA ILE A 233 -23.34 14.00 13.36
C ILE A 233 -24.50 13.76 14.30
N LEU A 234 -25.52 14.61 14.23
CA LEU A 234 -26.71 14.44 15.05
C LEU A 234 -27.37 13.04 14.92
N THR A 235 -27.38 12.51 13.71
CA THR A 235 -27.91 11.18 13.46
C THR A 235 -27.09 10.09 14.15
N ILE A 236 -25.77 10.17 13.98
CA ILE A 236 -24.84 9.24 14.64
C ILE A 236 -25.06 9.27 16.17
N LEU A 237 -25.07 10.47 16.72
CA LEU A 237 -25.35 10.68 18.15
C LEU A 237 -26.71 10.11 18.63
N GLN A 238 -27.77 10.29 17.83
CA GLN A 238 -29.09 9.68 18.12
C GLN A 238 -29.02 8.15 18.12
N TRP A 239 -28.34 7.60 17.12
CA TRP A 239 -28.17 6.16 17.02
C TRP A 239 -27.48 5.60 18.27
N LEU A 240 -26.50 6.34 18.81
CA LEU A 240 -25.79 5.96 20.02
C LEU A 240 -26.62 5.92 21.33
N THR A 241 -27.82 6.51 21.33
CA THR A 241 -28.77 6.43 22.45
C THR A 241 -29.84 5.35 22.28
N LEU A 242 -29.86 4.66 21.14
CA LEU A 242 -30.80 3.56 20.87
C LEU A 242 -30.66 2.41 21.88
N PRO A 243 -31.72 1.60 22.06
CA PRO A 243 -31.61 0.40 22.90
C PRO A 243 -30.58 -0.60 22.40
N ASP A 244 -30.17 -1.51 23.28
CA ASP A 244 -29.07 -2.45 22.99
C ASP A 244 -29.33 -3.31 21.75
N HIS A 245 -30.57 -3.74 21.55
CA HIS A 245 -30.92 -4.59 20.41
C HIS A 245 -30.88 -3.85 19.06
N GLU A 246 -30.93 -2.52 19.05
CA GLU A 246 -30.79 -1.70 17.80
C GLU A 246 -29.46 -0.99 17.64
N ARG A 247 -28.79 -0.66 18.73
CA ARG A 247 -27.66 0.29 18.68
C ARG A 247 -26.44 -0.24 17.97
N PRO A 248 -25.96 0.46 16.92
CA PRO A 248 -24.69 -0.03 16.30
C PRO A 248 -23.47 0.12 17.20
N SER A 249 -22.46 -0.70 16.91
CA SER A 249 -21.12 -0.58 17.51
C SER A 249 -20.07 0.09 16.61
N VAL A 250 -20.34 0.19 15.31
CA VAL A 250 -19.44 0.85 14.37
C VAL A 250 -20.24 1.82 13.49
N TYR A 251 -19.61 2.98 13.24
CA TYR A 251 -20.21 4.12 12.56
C TYR A 251 -19.15 4.81 11.73
N ALA A 252 -19.60 5.54 10.70
CA ALA A 252 -18.72 6.39 9.93
C ALA A 252 -19.42 7.67 9.58
N PHE A 253 -18.67 8.75 9.72
CA PHE A 253 -19.04 10.04 9.17
C PHE A 253 -18.13 10.22 7.96
N TYR A 254 -18.68 10.81 6.90
CA TYR A 254 -17.91 11.19 5.69
C TYR A 254 -18.13 12.67 5.39
N SER A 255 -17.04 13.35 5.08
CA SER A 255 -17.09 14.70 4.55
C SER A 255 -16.41 14.77 3.18
N GLU A 256 -17.03 15.54 2.31
CA GLU A 256 -16.50 15.85 0.99
C GLU A 256 -15.37 16.90 1.10
N GLN A 257 -15.28 17.59 2.24
CA GLN A 257 -14.25 18.63 2.46
C GLN A 257 -12.96 18.01 2.96
N PRO A 258 -11.81 18.67 2.72
CA PRO A 258 -11.57 19.90 1.97
C PRO A 258 -11.23 19.70 0.46
N ASP A 259 -11.58 18.56 -0.14
CA ASP A 259 -11.27 18.25 -1.55
C ASP A 259 -11.56 19.37 -2.54
N PHE A 260 -12.81 19.83 -2.67
CA PHE A 260 -13.14 20.80 -3.74
C PHE A 260 -12.35 22.11 -3.63
N SER A 261 -12.18 22.60 -2.40
CA SER A 261 -11.43 23.83 -2.17
C SER A 261 -9.94 23.62 -2.57
N GLY A 262 -9.44 22.41 -2.35
CA GLY A 262 -8.11 22.01 -2.82
C GLY A 262 -8.02 22.10 -4.32
N HIS A 263 -9.05 21.58 -5.01
CA HIS A 263 -9.10 21.62 -6.49
C HIS A 263 -9.13 23.03 -7.03
N LYS A 264 -9.97 23.87 -6.43
CA LYS A 264 -10.15 25.19 -6.90
C LYS A 264 -8.95 26.10 -6.61
N TYR A 265 -8.41 26.03 -5.39
CA TYR A 265 -7.43 27.03 -4.91
C TYR A 265 -6.00 26.49 -4.71
N GLY A 266 -5.82 25.18 -4.74
CA GLY A 266 -4.53 24.55 -4.54
C GLY A 266 -4.31 24.23 -3.06
N PRO A 267 -3.42 23.30 -2.76
CA PRO A 267 -3.24 22.87 -1.38
C PRO A 267 -2.67 23.93 -0.45
N PHE A 268 -1.93 24.93 -0.95
CA PHE A 268 -1.39 26.00 -0.12
C PHE A 268 -2.03 27.38 -0.38
N GLY A 269 -3.15 27.43 -1.08
CA GLY A 269 -3.92 28.67 -1.19
C GLY A 269 -4.39 29.13 0.20
N PRO A 270 -4.44 30.45 0.48
CA PRO A 270 -4.97 30.95 1.76
C PRO A 270 -6.45 30.60 1.98
N GLU A 271 -7.15 30.31 0.89
CA GLU A 271 -8.55 29.88 0.90
C GLU A 271 -8.80 28.53 1.57
N MET A 272 -7.76 27.75 1.82
CA MET A 272 -7.89 26.44 2.49
C MET A 272 -8.22 26.48 4.00
N THR A 273 -7.98 27.63 4.62
CA THR A 273 -8.24 27.83 6.05
C THR A 273 -9.70 27.64 6.42
N ASN A 274 -10.59 28.28 5.66
CA ASN A 274 -12.02 28.20 5.90
C ASN A 274 -12.60 26.78 5.91
N PRO A 275 -12.38 25.97 4.85
CA PRO A 275 -12.79 24.56 4.92
C PRO A 275 -12.19 23.78 6.09
N LEU A 276 -10.92 24.02 6.42
CA LEU A 276 -10.30 23.30 7.54
C LEU A 276 -10.94 23.70 8.88
N ARG A 277 -11.27 24.99 9.03
CA ARG A 277 -12.06 25.45 10.18
C ARG A 277 -13.44 24.78 10.28
N GLU A 278 -14.14 24.68 9.14
CA GLU A 278 -15.47 24.09 9.09
C GLU A 278 -15.43 22.60 9.43
N ILE A 279 -14.43 21.89 8.93
CA ILE A 279 -14.24 20.49 9.33
C ILE A 279 -14.04 20.36 10.86
N ASP A 280 -13.21 21.23 11.41
CA ASP A 280 -12.93 21.17 12.85
C ASP A 280 -14.13 21.46 13.73
N LYS A 281 -14.94 22.41 13.30
CA LYS A 281 -16.22 22.70 13.91
C LYS A 281 -17.09 21.43 13.98
N ILE A 282 -17.18 20.68 12.89
CA ILE A 282 -17.95 19.43 12.85
C ILE A 282 -17.38 18.37 13.83
N VAL A 283 -16.06 18.24 13.87
CA VAL A 283 -15.38 17.39 14.87
C VAL A 283 -15.77 17.82 16.27
N GLY A 284 -15.71 19.13 16.52
CA GLY A 284 -16.15 19.71 17.77
C GLY A 284 -17.56 19.34 18.15
N GLN A 285 -18.45 19.31 17.17
CA GLN A 285 -19.86 18.98 17.42
C GLN A 285 -19.98 17.51 17.82
N LEU A 286 -19.22 16.65 17.15
CA LEU A 286 -19.16 15.27 17.52
C LEU A 286 -18.66 15.09 18.95
N MET A 287 -17.54 15.73 19.28
CA MET A 287 -16.87 15.51 20.57
C MET A 287 -17.69 16.08 21.71
N ASP A 288 -18.25 17.27 21.52
CA ASP A 288 -19.19 17.83 22.46
C ASP A 288 -20.40 16.94 22.63
N GLY A 289 -20.92 16.43 21.52
CA GLY A 289 -22.10 15.56 21.54
C GLY A 289 -21.85 14.29 22.33
N LEU A 290 -20.67 13.70 22.10
CA LEU A 290 -20.25 12.52 22.84
C LEU A 290 -20.16 12.80 24.33
N LYS A 291 -19.60 13.96 24.67
CA LYS A 291 -19.42 14.36 26.05
C LYS A 291 -20.76 14.51 26.76
N GLN A 292 -21.73 15.17 26.11
CA GLN A 292 -23.11 15.29 26.62
C GLN A 292 -23.73 13.96 26.98
N LEU A 293 -23.55 12.99 26.10
CA LEU A 293 -24.08 11.64 26.28
C LEU A 293 -23.19 10.71 27.14
N LYS A 294 -22.13 11.26 27.73
CA LYS A 294 -21.19 10.51 28.56
C LYS A 294 -20.51 9.37 27.78
N LEU A 295 -20.19 9.63 26.52
CA LEU A 295 -19.51 8.66 25.66
C LEU A 295 -18.13 9.10 25.22
N HIS A 296 -17.66 10.26 25.70
CA HIS A 296 -16.34 10.83 25.28
C HIS A 296 -15.08 10.04 25.71
N ARG A 297 -15.23 9.21 26.74
CA ARG A 297 -14.17 8.30 27.20
C ARG A 297 -14.63 6.83 27.01
N CYS A 298 -15.52 6.62 26.05
CA CYS A 298 -16.13 5.31 25.71
C CYS A 298 -15.85 4.91 24.24
N VAL A 299 -15.95 5.84 23.30
CA VAL A 299 -15.85 5.48 21.88
C VAL A 299 -14.42 5.66 21.35
N ASN A 300 -14.01 4.79 20.43
CA ASN A 300 -12.80 5.02 19.68
C ASN A 300 -13.18 5.87 18.50
N VAL A 301 -12.42 6.97 18.30
CA VAL A 301 -12.57 7.87 17.15
C VAL A 301 -11.35 7.71 16.25
N ILE A 302 -11.59 7.41 14.98
CA ILE A 302 -10.53 7.42 13.95
C ILE A 302 -10.80 8.63 13.05
N PHE A 303 -9.81 9.50 12.88
CA PHE A 303 -9.86 10.61 11.93
C PHE A 303 -8.91 10.21 10.79
N VAL A 304 -9.46 10.06 9.59
CA VAL A 304 -8.71 9.49 8.48
C VAL A 304 -9.07 10.18 7.17
N GLY A 305 -8.06 10.47 6.34
CA GLY A 305 -8.28 10.96 4.98
C GLY A 305 -8.12 9.87 3.90
N ASP A 306 -8.65 10.15 2.73
CA ASP A 306 -8.53 9.24 1.58
C ASP A 306 -7.25 9.46 0.74
N HIS A 307 -6.85 10.71 0.59
CA HIS A 307 -5.72 11.06 -0.25
C HIS A 307 -5.41 12.52 -0.03
N GLY A 308 -4.26 12.97 -0.50
CA GLY A 308 -3.86 14.36 -0.36
C GLY A 308 -4.22 15.20 -1.60
N MET A 309 -3.36 16.15 -1.96
CA MET A 309 -3.69 17.14 -2.96
C MET A 309 -2.43 17.86 -3.39
N GLU A 310 -2.29 18.07 -4.71
CA GLU A 310 -1.06 18.64 -5.35
C GLU A 310 -1.37 19.88 -6.16
N ASP A 311 -0.38 20.75 -6.37
CA ASP A 311 -0.53 21.89 -7.27
C ASP A 311 -0.59 21.44 -8.73
N VAL A 312 -1.70 21.69 -9.39
CA VAL A 312 -1.84 21.32 -10.81
C VAL A 312 -2.56 22.49 -11.48
N THR A 313 -2.07 22.92 -12.63
CA THR A 313 -2.75 23.94 -13.43
C THR A 313 -2.86 23.52 -14.87
N CYS A 314 -3.70 24.26 -15.61
CA CYS A 314 -4.04 23.98 -17.00
C CYS A 314 -2.81 23.99 -17.92
N ASP A 315 -1.95 25.00 -17.76
CA ASP A 315 -0.70 25.11 -18.51
C ASP A 315 0.26 23.92 -18.34
N ARG A 316 0.11 23.12 -17.26
CA ARG A 316 0.85 21.88 -17.11
C ARG A 316 0.06 20.64 -17.56
N THR A 317 -0.22 20.60 -18.86
CA THR A 317 -0.94 19.51 -19.49
C THR A 317 -0.18 19.02 -20.71
N GLU A 318 0.07 17.73 -20.73
CA GLU A 318 0.56 17.02 -21.90
C GLU A 318 -0.64 16.48 -22.68
N PHE A 319 -0.51 16.50 -23.99
CA PHE A 319 -1.54 16.02 -24.92
C PHE A 319 -1.09 14.83 -25.76
N LEU A 320 -1.87 13.75 -25.76
CA LEU A 320 -1.56 12.60 -26.57
C LEU A 320 -1.47 12.90 -28.05
N SER A 321 -2.24 13.90 -28.52
CA SER A 321 -2.22 14.32 -29.90
C SER A 321 -0.84 14.86 -30.39
N ASN A 322 0.05 15.20 -29.47
CA ASN A 322 1.44 15.56 -29.84
C ASN A 322 2.34 14.35 -30.07
N TYR A 323 1.89 13.17 -29.67
CA TYR A 323 2.64 11.92 -29.76
C TYR A 323 2.03 10.89 -30.70
N LEU A 324 0.71 10.88 -30.77
CA LEU A 324 -0.02 9.86 -31.52
C LEU A 324 -0.71 10.50 -32.70
N THR A 325 -0.79 9.75 -33.81
CA THR A 325 -1.47 10.20 -35.02
C THR A 325 -2.98 10.24 -34.85
N ASN A 326 -3.57 9.18 -34.27
CA ASN A 326 -5.04 9.04 -34.27
C ASN A 326 -5.57 8.91 -32.84
N VAL A 327 -5.89 10.06 -32.25
CA VAL A 327 -6.43 10.10 -30.91
C VAL A 327 -7.96 10.00 -30.92
N ASP A 328 -8.56 10.00 -32.10
CA ASP A 328 -10.00 9.80 -32.21
C ASP A 328 -10.44 8.34 -32.08
N ASP A 329 -9.52 7.40 -32.30
CA ASP A 329 -9.80 5.97 -32.23
C ASP A 329 -9.50 5.34 -30.85
N ILE A 330 -8.99 6.12 -29.91
CA ILE A 330 -8.72 5.63 -28.57
C ILE A 330 -9.58 6.33 -27.55
N THR A 331 -9.71 5.69 -26.40
CA THR A 331 -10.38 6.25 -25.23
C THR A 331 -9.31 6.38 -24.19
N LEU A 332 -9.20 7.58 -23.62
CA LEU A 332 -8.26 7.86 -22.56
C LEU A 332 -9.02 8.23 -21.29
N VAL A 333 -8.69 7.57 -20.18
CA VAL A 333 -9.06 8.07 -18.85
C VAL A 333 -7.95 9.05 -18.46
N PRO A 334 -8.22 10.37 -18.42
CA PRO A 334 -7.13 11.36 -18.31
C PRO A 334 -6.92 11.90 -16.90
N GLY A 335 -6.03 12.89 -16.81
CA GLY A 335 -5.79 13.65 -15.58
C GLY A 335 -4.44 13.31 -14.99
N THR A 336 -4.45 12.89 -13.73
CA THR A 336 -3.24 12.62 -12.95
C THR A 336 -2.71 11.19 -13.15
N LEU A 337 -3.46 10.43 -13.92
CA LEU A 337 -3.04 9.18 -14.49
C LEU A 337 -3.65 9.12 -15.91
N GLY A 338 -3.19 8.15 -16.69
CA GLY A 338 -3.80 7.84 -17.96
C GLY A 338 -4.03 6.36 -18.12
N ARG A 339 -5.22 5.98 -18.61
CA ARG A 339 -5.50 4.62 -19.03
C ARG A 339 -6.02 4.73 -20.46
N ILE A 340 -5.47 3.91 -21.35
CA ILE A 340 -5.76 3.96 -22.75
C ILE A 340 -6.33 2.62 -23.21
N ARG A 341 -7.38 2.69 -24.00
CA ARG A 341 -7.88 1.53 -24.71
C ARG A 341 -8.43 1.98 -26.06
N SER A 342 -8.76 1.01 -26.90
CA SER A 342 -9.44 1.26 -28.18
C SER A 342 -10.87 1.73 -27.91
N LYS A 343 -11.29 2.80 -28.58
CA LYS A 343 -12.63 3.37 -28.38
C LYS A 343 -13.69 2.37 -28.80
N PHE A 344 -13.49 1.79 -29.97
CA PHE A 344 -14.35 0.76 -30.52
C PHE A 344 -13.60 -0.58 -30.60
N SER A 345 -14.37 -1.66 -30.53
CA SER A 345 -13.82 -3.01 -30.67
C SER A 345 -13.67 -3.42 -32.13
N ASN A 346 -12.89 -4.48 -32.37
CA ASN A 346 -12.52 -4.98 -33.72
C ASN A 346 -12.00 -3.90 -34.69
N ASN A 347 -11.27 -2.92 -34.14
CA ASN A 347 -10.55 -1.94 -34.94
C ASN A 347 -9.16 -2.50 -35.25
N ALA A 348 -9.01 -3.10 -36.43
CA ALA A 348 -7.72 -3.66 -36.89
C ALA A 348 -6.59 -2.64 -37.00
N LYS A 349 -6.94 -1.36 -37.16
CA LYS A 349 -5.99 -0.24 -37.07
C LYS A 349 -5.34 -0.08 -35.66
N TYR A 350 -6.00 -0.54 -34.61
CA TYR A 350 -5.50 -0.38 -33.24
C TYR A 350 -4.25 -1.21 -33.01
N ASP A 351 -3.19 -0.53 -32.56
CA ASP A 351 -1.86 -1.14 -32.44
C ASP A 351 -1.21 -0.70 -31.11
N PRO A 352 -1.41 -1.50 -30.06
CA PRO A 352 -0.94 -1.14 -28.72
C PRO A 352 0.57 -0.94 -28.60
N LYS A 353 1.34 -1.79 -29.28
CA LYS A 353 2.81 -1.68 -29.31
C LYS A 353 3.27 -0.35 -29.90
N ALA A 354 2.66 0.03 -31.02
CA ALA A 354 2.98 1.29 -31.68
C ALA A 354 2.55 2.50 -30.83
N ILE A 355 1.47 2.36 -30.07
CA ILE A 355 1.04 3.46 -29.17
C ILE A 355 2.08 3.67 -28.08
N ILE A 356 2.48 2.59 -27.43
CA ILE A 356 3.48 2.69 -26.37
C ILE A 356 4.81 3.23 -26.92
N ALA A 357 5.25 2.74 -28.07
CA ALA A 357 6.51 3.22 -28.69
C ALA A 357 6.47 4.71 -28.98
N ASN A 358 5.33 5.17 -29.51
CA ASN A 358 5.20 6.60 -29.81
C ASN A 358 5.10 7.47 -28.58
N LEU A 359 4.65 6.91 -27.47
CA LEU A 359 4.66 7.60 -26.19
C LEU A 359 5.96 7.48 -25.37
N THR A 360 6.97 6.75 -25.87
CA THR A 360 8.21 6.48 -25.10
C THR A 360 9.32 7.49 -25.41
N CYS A 361 9.76 8.25 -24.40
CA CYS A 361 10.96 9.11 -24.47
C CYS A 361 11.09 9.94 -25.72
N LYS A 362 10.08 10.75 -26.02
CA LYS A 362 10.11 11.56 -27.24
C LYS A 362 10.73 12.94 -27.05
N LYS A 363 10.73 13.44 -25.81
CA LYS A 363 11.45 14.68 -25.51
C LYS A 363 12.05 14.60 -24.13
N PRO A 364 13.14 15.36 -23.89
CA PRO A 364 13.59 15.46 -22.49
C PRO A 364 12.54 16.22 -21.67
N ASP A 365 12.38 15.84 -20.41
CA ASP A 365 11.37 16.46 -19.56
C ASP A 365 9.91 16.09 -19.92
N GLN A 366 9.72 15.05 -20.74
CA GLN A 366 8.39 14.48 -20.97
C GLN A 366 7.74 14.15 -19.63
N HIS A 367 6.50 14.61 -19.41
CA HIS A 367 5.91 14.59 -18.07
C HIS A 367 4.95 13.44 -17.78
N PHE A 368 5.14 12.34 -18.49
CA PHE A 368 4.45 11.08 -18.26
C PHE A 368 5.31 9.94 -18.81
N LYS A 369 5.04 8.74 -18.37
CA LYS A 369 5.71 7.57 -18.86
C LYS A 369 4.71 6.50 -19.15
N PRO A 370 4.71 5.93 -20.40
CA PRO A 370 3.81 4.80 -20.59
C PRO A 370 4.36 3.49 -20.03
N TYR A 371 3.46 2.59 -19.65
CA TYR A 371 3.79 1.27 -19.18
C TYR A 371 2.67 0.33 -19.59
N LEU A 372 3.03 -0.87 -20.02
CA LEU A 372 2.12 -2.01 -19.90
C LEU A 372 1.87 -2.27 -18.40
N LYS A 373 0.63 -2.59 -18.02
CA LYS A 373 0.28 -2.61 -16.60
C LYS A 373 1.15 -3.60 -15.81
N GLN A 374 1.47 -4.75 -16.41
CA GLN A 374 2.38 -5.74 -15.77
C GLN A 374 3.81 -5.23 -15.45
N HIS A 375 4.24 -4.17 -16.13
CA HIS A 375 5.53 -3.53 -15.94
C HIS A 375 5.53 -2.34 -14.98
N LEU A 376 4.37 -1.90 -14.52
CA LEU A 376 4.30 -0.88 -13.48
C LEU A 376 5.02 -1.40 -12.23
N PRO A 377 5.61 -0.49 -11.41
CA PRO A 377 6.20 -0.89 -10.12
C PRO A 377 5.29 -1.81 -9.39
N LYS A 378 5.83 -2.92 -8.90
CA LYS A 378 5.01 -3.89 -8.16
C LYS A 378 4.40 -3.37 -6.88
N ARG A 379 5.06 -2.37 -6.27
CA ARG A 379 4.54 -1.67 -5.06
C ARG A 379 3.16 -1.02 -5.28
N LEU A 380 2.80 -0.70 -6.52
CA LEU A 380 1.47 -0.14 -6.82
C LEU A 380 0.34 -1.19 -6.78
N HIS A 381 0.67 -2.45 -6.99
CA HIS A 381 -0.31 -3.54 -7.00
C HIS A 381 -1.49 -3.25 -7.96
N TYR A 382 -1.17 -2.77 -9.17
CA TYR A 382 -2.19 -2.19 -10.08
C TYR A 382 -2.17 -2.84 -11.46
N ALA A 383 -2.52 -4.12 -11.47
CA ALA A 383 -2.57 -4.90 -12.72
C ALA A 383 -3.60 -6.01 -12.78
N ASN A 384 -3.79 -6.74 -11.69
CA ASN A 384 -4.59 -7.95 -11.73
C ASN A 384 -6.13 -7.67 -11.63
N ASN A 385 -6.63 -6.89 -12.58
CA ASN A 385 -8.06 -6.66 -12.74
C ASN A 385 -8.35 -6.34 -14.21
N ARG A 386 -9.37 -6.97 -14.79
CA ARG A 386 -9.73 -6.69 -16.18
C ARG A 386 -10.24 -5.25 -16.45
N ARG A 387 -10.52 -4.49 -15.40
CA ARG A 387 -10.89 -3.08 -15.50
C ARG A 387 -9.69 -2.14 -15.54
N ILE A 388 -8.50 -2.70 -15.39
CA ILE A 388 -7.30 -1.88 -15.52
C ILE A 388 -6.86 -2.12 -16.95
N GLU A 389 -6.82 -1.05 -17.76
CA GLU A 389 -6.42 -1.17 -19.15
C GLU A 389 -4.95 -1.61 -19.24
N ASP A 390 -4.60 -2.38 -20.26
CA ASP A 390 -3.22 -2.81 -20.49
C ASP A 390 -2.30 -1.62 -20.52
N ILE A 391 -2.70 -0.53 -21.18
CA ILE A 391 -1.84 0.65 -21.36
C ILE A 391 -2.11 1.65 -20.24
N HIS A 392 -1.07 1.98 -19.48
CA HIS A 392 -1.14 2.91 -18.39
C HIS A 392 -0.09 4.00 -18.52
N LEU A 393 -0.44 5.22 -18.14
CA LEU A 393 0.49 6.31 -18.11
C LEU A 393 0.62 6.77 -16.67
N LEU A 394 1.84 6.69 -16.15
CA LEU A 394 2.17 7.32 -14.88
C LEU A 394 2.52 8.76 -15.22
N VAL A 395 1.83 9.68 -14.55
CA VAL A 395 1.99 11.09 -14.79
C VAL A 395 2.84 11.68 -13.70
N GLU A 396 3.73 12.60 -14.10
CA GLU A 396 4.54 13.32 -13.17
C GLU A 396 3.72 14.19 -12.23
N ARG A 397 4.13 14.28 -10.97
CA ARG A 397 3.45 15.14 -10.03
C ARG A 397 3.37 16.53 -10.59
N ARG A 398 2.22 17.17 -10.36
CA ARG A 398 1.94 18.53 -10.78
C ARG A 398 1.45 18.68 -12.22
N TRP A 399 1.37 17.57 -12.94
CA TRP A 399 0.99 17.58 -14.35
C TRP A 399 -0.34 16.84 -14.59
N HIS A 400 -0.92 17.12 -15.77
CA HIS A 400 -2.02 16.34 -16.31
C HIS A 400 -1.67 15.74 -17.68
N VAL A 401 -2.28 14.61 -18.01
CA VAL A 401 -2.27 14.13 -19.40
C VAL A 401 -3.73 14.21 -19.94
N ALA A 402 -3.90 14.78 -21.12
CA ALA A 402 -5.21 14.85 -21.78
C ALA A 402 -5.05 14.35 -23.23
N ARG A 403 -6.18 14.04 -23.87
CA ARG A 403 -6.18 13.52 -25.23
C ARG A 403 -5.76 14.55 -26.30
N LYS A 404 -6.38 15.72 -26.29
CA LYS A 404 -6.05 16.79 -27.24
C LYS A 404 -6.41 18.14 -26.64
N PRO A 405 -5.84 19.25 -27.16
CA PRO A 405 -6.10 20.58 -26.56
C PRO A 405 -7.55 21.03 -26.45
N LEU A 406 -8.34 20.78 -27.48
CA LEU A 406 -9.79 20.89 -27.42
C LEU A 406 -10.38 19.88 -28.42
N GLY A 414 -11.15 31.95 -22.39
CA GLY A 414 -11.37 31.04 -21.27
C GLY A 414 -10.40 31.29 -20.12
N LYS A 415 -10.79 30.85 -18.93
CA LYS A 415 -9.97 30.98 -17.72
C LYS A 415 -9.78 29.59 -17.08
N CYS A 416 -8.63 29.34 -16.46
CA CYS A 416 -8.35 28.07 -15.74
C CYS A 416 -8.92 28.14 -14.33
N PHE A 417 -9.78 27.20 -13.98
CA PHE A 417 -10.45 27.24 -12.69
C PHE A 417 -9.89 26.31 -11.63
N PHE A 418 -8.99 25.39 -12.02
CA PHE A 418 -8.40 24.49 -11.03
C PHE A 418 -6.93 24.86 -10.76
N GLN A 419 -6.56 24.72 -9.49
CA GLN A 419 -5.19 24.88 -9.08
C GLN A 419 -4.68 23.65 -8.33
N GLY A 420 -5.50 22.62 -8.15
CA GLY A 420 -5.04 21.41 -7.51
C GLY A 420 -5.71 20.17 -8.03
N ASP A 421 -5.05 19.03 -7.84
CA ASP A 421 -5.63 17.74 -8.21
C ASP A 421 -4.84 16.64 -7.50
N HIS A 422 -5.36 15.42 -7.58
CA HIS A 422 -4.77 14.27 -6.96
C HIS A 422 -5.05 13.07 -7.86
N GLY A 423 -4.43 11.94 -7.53
CA GLY A 423 -4.46 10.72 -8.36
C GLY A 423 -3.07 10.10 -8.66
N PHE A 424 -2.01 10.87 -8.46
CA PHE A 424 -0.64 10.44 -8.74
C PHE A 424 -0.22 9.22 -7.91
N ASP A 425 0.92 8.68 -8.31
CA ASP A 425 1.70 7.68 -7.58
C ASP A 425 1.59 7.86 -6.06
N ASN A 426 1.18 6.81 -5.37
CA ASN A 426 0.93 6.89 -3.93
C ASN A 426 2.13 7.11 -3.05
N LYS A 427 3.34 7.12 -3.62
CA LYS A 427 4.50 7.49 -2.83
C LYS A 427 4.83 8.97 -2.89
N VAL A 428 4.17 9.73 -3.74
CA VAL A 428 4.38 11.19 -3.91
C VAL A 428 3.95 11.90 -2.64
N ASN A 429 4.83 12.75 -2.10
CA ASN A 429 4.55 13.43 -0.80
C ASN A 429 3.19 14.16 -0.69
N SER A 430 2.84 14.89 -1.73
CA SER A 430 1.59 15.68 -1.77
C SER A 430 0.34 14.82 -1.66
N MET A 431 0.44 13.56 -2.06
CA MET A 431 -0.67 12.59 -1.96
C MET A 431 -0.91 11.94 -0.58
N GLN A 432 0.03 12.06 0.32
CA GLN A 432 -0.10 11.48 1.64
C GLN A 432 -1.23 12.16 2.42
N THR A 433 -1.88 11.38 3.27
CA THR A 433 -3.05 11.86 4.00
C THR A 433 -2.88 11.58 5.51
N VAL A 434 -3.97 11.66 6.25
CA VAL A 434 -3.92 11.79 7.72
C VAL A 434 -4.43 10.54 8.43
N PHE A 435 -3.87 10.23 9.60
CA PHE A 435 -4.42 9.26 10.55
C PHE A 435 -4.27 9.73 12.00
N VAL A 436 -5.39 9.71 12.72
CA VAL A 436 -5.41 9.88 14.15
C VAL A 436 -6.32 8.80 14.71
N GLY A 437 -5.90 8.20 15.83
CA GLY A 437 -6.69 7.27 16.60
C GLY A 437 -6.78 7.77 18.03
N TYR A 438 -8.00 7.98 18.50
CA TYR A 438 -8.27 8.52 19.84
C TYR A 438 -9.27 7.62 20.52
N GLY A 439 -9.04 7.35 21.81
CA GLY A 439 -10.04 6.69 22.67
C GLY A 439 -9.42 5.58 23.50
N PRO A 440 -10.28 4.79 24.19
CA PRO A 440 -9.79 3.82 25.19
C PRO A 440 -8.84 2.73 24.67
N THR A 441 -9.00 2.32 23.42
CA THR A 441 -8.20 1.23 22.86
C THR A 441 -6.92 1.72 22.19
N PHE A 442 -6.92 2.97 21.72
CA PHE A 442 -5.71 3.59 21.18
C PHE A 442 -4.76 4.02 22.29
N LYS A 443 -3.46 4.11 21.97
CA LYS A 443 -2.48 4.55 22.94
C LYS A 443 -2.63 6.05 23.23
N TYR A 444 -2.11 6.45 24.38
CA TYR A 444 -2.12 7.82 24.89
C TYR A 444 -0.88 8.58 24.39
N LYS A 445 -1.07 9.79 23.86
CA LYS A 445 0.00 10.69 23.40
C LYS A 445 1.15 9.98 22.68
N THR A 446 0.83 9.16 21.70
CA THR A 446 1.79 8.28 21.05
C THR A 446 1.92 8.62 19.58
N LYS A 447 3.16 8.90 19.15
CA LYS A 447 3.51 8.99 17.73
C LYS A 447 3.90 7.59 17.21
N VAL A 448 3.38 7.22 16.05
CA VAL A 448 3.71 5.96 15.37
C VAL A 448 4.19 6.26 13.94
N PRO A 449 5.07 5.40 13.38
CA PRO A 449 5.53 5.62 12.01
C PRO A 449 4.44 5.64 10.92
N PRO A 450 4.70 6.32 9.79
CA PRO A 450 3.75 6.26 8.69
C PRO A 450 3.44 4.82 8.29
N PHE A 451 2.20 4.55 7.93
CA PHE A 451 1.77 3.21 7.52
C PHE A 451 0.76 3.34 6.36
N GLU A 452 0.42 2.21 5.75
CA GLU A 452 -0.41 2.18 4.57
C GLU A 452 -1.87 1.97 4.94
N ASN A 453 -2.76 2.68 4.22
CA ASN A 453 -4.19 2.62 4.50
C ASN A 453 -4.78 1.20 4.42
N ILE A 454 -4.18 0.30 3.63
CA ILE A 454 -4.58 -1.11 3.62
C ILE A 454 -4.54 -1.83 4.98
N GLU A 455 -3.74 -1.32 5.93
CA GLU A 455 -3.54 -1.94 7.22
C GLU A 455 -4.69 -1.67 8.20
N LEU A 456 -5.50 -0.63 7.94
CA LEU A 456 -6.43 -0.14 8.95
C LEU A 456 -7.61 -1.06 9.20
N TYR A 457 -8.09 -1.76 8.16
CA TYR A 457 -9.21 -2.70 8.28
C TYR A 457 -8.98 -3.74 9.36
N ASN A 458 -7.79 -4.33 9.40
CA ASN A 458 -7.41 -5.26 10.48
C ASN A 458 -7.53 -4.63 11.89
N VAL A 459 -7.06 -3.40 11.99
CA VAL A 459 -7.13 -2.63 13.23
C VAL A 459 -8.59 -2.37 13.61
N MET A 460 -9.41 -1.96 12.64
CA MET A 460 -10.82 -1.66 12.92
C MET A 460 -11.54 -2.94 13.37
N CYS A 461 -11.18 -4.08 12.78
CA CYS A 461 -11.69 -5.37 13.16
C CYS A 461 -11.25 -5.72 14.59
N ASP A 462 -9.95 -5.55 14.90
CA ASP A 462 -9.47 -5.71 16.27
C ASP A 462 -10.26 -4.83 17.24
N LEU A 463 -10.45 -3.55 16.91
CA LEU A 463 -11.23 -2.66 17.79
C LEU A 463 -12.66 -3.08 18.05
N LEU A 464 -13.23 -3.92 17.19
CA LEU A 464 -14.61 -4.38 17.34
C LEU A 464 -14.75 -5.84 17.71
N GLY A 465 -13.65 -6.51 17.98
CA GLY A 465 -13.69 -7.95 18.31
C GLY A 465 -14.02 -8.85 17.12
N LEU A 466 -13.75 -8.38 15.90
CA LEU A 466 -14.09 -9.11 14.69
C LEU A 466 -12.89 -9.85 14.07
N LYS A 467 -13.18 -11.00 13.46
CA LYS A 467 -12.26 -11.76 12.62
C LYS A 467 -12.24 -11.11 11.24
N PRO A 468 -11.10 -10.49 10.81
CA PRO A 468 -11.16 -9.86 9.49
C PRO A 468 -11.31 -10.85 8.34
N ALA A 469 -11.99 -10.45 7.27
CA ALA A 469 -11.98 -11.22 6.03
C ALA A 469 -10.55 -11.23 5.45
N PRO A 470 -10.23 -12.22 4.58
CA PRO A 470 -8.88 -12.19 3.93
C PRO A 470 -8.60 -10.86 3.28
N ASN A 471 -7.46 -10.25 3.61
CA ASN A 471 -7.15 -8.94 3.05
C ASN A 471 -5.62 -8.72 2.90
N ASN A 472 -5.24 -7.55 2.44
CA ASN A 472 -3.89 -7.23 2.08
C ASN A 472 -3.07 -6.60 3.20
N GLY A 473 -3.72 -6.21 4.31
CA GLY A 473 -3.02 -5.87 5.55
C GLY A 473 -2.14 -7.02 6.04
N THR A 474 -1.24 -6.70 6.94
CA THR A 474 -0.40 -7.70 7.61
C THR A 474 -0.83 -7.62 9.07
N HIS A 475 -1.65 -8.58 9.47
CA HIS A 475 -2.34 -8.51 10.72
C HIS A 475 -1.31 -8.67 11.86
N GLY A 476 -1.17 -7.59 12.64
CA GLY A 476 -0.18 -7.52 13.72
C GLY A 476 0.86 -6.42 13.52
N SER A 477 0.96 -5.92 12.29
CA SER A 477 1.94 -4.90 11.91
C SER A 477 1.65 -3.53 12.53
N LEU A 478 0.40 -3.31 12.98
CA LEU A 478 0.01 -2.09 13.67
C LEU A 478 -0.41 -2.35 15.12
N ASN A 479 -0.01 -3.47 15.69
CA ASN A 479 -0.27 -3.69 17.13
C ASN A 479 0.22 -2.56 18.02
N HIS A 480 1.31 -1.91 17.61
CA HIS A 480 1.88 -0.77 18.34
C HIS A 480 1.01 0.51 18.38
N LEU A 481 -0.07 0.59 17.61
CA LEU A 481 -1.09 1.65 17.74
C LEU A 481 -2.00 1.52 18.99
N LEU A 482 -2.12 0.31 19.53
CA LEU A 482 -3.16 -0.02 20.50
C LEU A 482 -2.65 -0.31 21.89
N ARG A 483 -3.44 0.15 22.87
CA ARG A 483 -3.24 -0.14 24.30
C ARG A 483 -3.47 -1.62 24.55
N THR A 484 -4.60 -2.15 24.07
CA THR A 484 -4.91 -3.57 24.19
C THR A 484 -4.94 -4.24 22.81
N ASN A 485 -4.19 -5.33 22.68
CA ASN A 485 -4.18 -6.17 21.47
C ASN A 485 -4.91 -7.49 21.68
N THR A 486 -6.05 -7.66 21.03
CA THR A 486 -6.73 -8.96 21.00
C THR A 486 -5.98 -9.97 20.09
N PHE A 487 -5.38 -9.49 18.99
CA PHE A 487 -4.68 -10.37 18.05
C PHE A 487 -3.16 -10.51 18.31
N ARG A 488 -2.73 -11.75 18.51
CA ARG A 488 -1.34 -12.09 18.73
C ARG A 488 -0.91 -12.78 17.43
N PRO A 489 -0.09 -12.10 16.60
CA PRO A 489 0.31 -12.74 15.32
C PRO A 489 1.20 -13.97 15.52
N THR A 490 1.10 -14.95 14.61
CA THR A 490 1.95 -16.13 14.63
C THR A 490 2.69 -16.27 13.32
N MET A 491 3.96 -16.61 13.42
CA MET A 491 4.85 -16.79 12.29
C MET A 491 4.36 -17.99 11.45
N PRO A 492 4.34 -17.90 10.11
CA PRO A 492 3.87 -19.08 9.36
C PRO A 492 4.80 -20.29 9.46
N GLU A 493 4.21 -21.47 9.34
CA GLU A 493 4.95 -22.73 9.42
C GLU A 493 5.74 -22.95 8.13
N GLU A 494 6.97 -23.39 8.30
CA GLU A 494 7.81 -23.76 7.19
C GLU A 494 7.20 -25.00 6.53
N VAL A 495 7.02 -24.95 5.21
CA VAL A 495 6.38 -26.07 4.50
C VAL A 495 7.40 -27.09 4.01
N THR A 496 8.46 -26.63 3.36
CA THR A 496 9.53 -27.49 2.86
C THR A 496 10.79 -27.32 3.73
N ARG A 497 11.27 -28.41 4.30
CA ARG A 497 12.55 -28.38 5.02
C ARG A 497 13.76 -28.41 4.04
N PRO A 498 14.82 -27.64 4.33
CA PRO A 498 16.03 -27.66 3.51
C PRO A 498 16.76 -29.00 3.51
N ASN A 499 17.36 -29.35 2.37
CA ASN A 499 18.44 -30.35 2.32
C ASN A 499 19.79 -29.66 2.49
N TYR A 500 20.77 -30.40 3.02
CA TYR A 500 22.12 -29.86 3.24
C TYR A 500 23.11 -30.77 2.53
N PRO A 501 23.17 -30.69 1.20
CA PRO A 501 24.04 -31.65 0.50
C PRO A 501 25.53 -31.35 0.75
N GLY A 502 26.26 -32.39 1.08
CA GLY A 502 27.71 -32.34 1.19
C GLY A 502 28.34 -32.65 -0.14
N ILE A 503 29.66 -32.68 -0.15
CA ILE A 503 30.44 -32.86 -1.37
C ILE A 503 30.26 -34.31 -1.82
N MET A 504 29.67 -34.53 -2.99
CA MET A 504 29.38 -35.92 -3.47
C MET A 504 29.97 -36.30 -4.82
N TYR A 505 29.98 -35.36 -5.74
CA TYR A 505 30.23 -35.63 -7.14
C TYR A 505 31.68 -35.31 -7.54
N LEU A 506 32.18 -36.02 -8.55
CA LEU A 506 33.46 -35.70 -9.19
C LEU A 506 33.20 -34.68 -10.28
N GLN A 507 34.19 -33.84 -10.59
CA GLN A 507 34.07 -32.91 -11.73
C GLN A 507 33.85 -33.67 -13.05
N SER A 508 34.38 -34.89 -13.16
CA SER A 508 34.11 -35.78 -14.29
C SER A 508 32.62 -36.15 -14.49
N ASP A 509 31.83 -36.17 -13.42
CA ASP A 509 30.38 -36.49 -13.51
C ASP A 509 29.54 -35.48 -14.30
N PHE A 510 30.07 -34.26 -14.51
CA PHE A 510 29.34 -33.16 -15.15
C PHE A 510 29.62 -32.99 -16.66
N ASP A 511 28.55 -32.80 -17.42
CA ASP A 511 28.62 -32.54 -18.86
C ASP A 511 27.62 -31.42 -19.18
N LEU A 512 27.85 -30.27 -18.55
CA LEU A 512 26.95 -29.11 -18.62
C LEU A 512 27.26 -28.12 -19.75
N GLY A 513 28.33 -28.38 -20.49
CA GLY A 513 28.78 -27.48 -21.53
C GLY A 513 29.48 -26.24 -21.00
N CYS A 514 29.84 -26.23 -19.72
CA CYS A 514 30.51 -25.09 -19.10
C CYS A 514 32.02 -25.31 -19.07
N THR A 515 32.77 -24.21 -19.05
CA THR A 515 34.24 -24.23 -18.91
C THR A 515 34.72 -23.16 -17.94
N CYS A 516 35.83 -23.47 -17.27
CA CYS A 516 36.52 -22.54 -16.41
C CYS A 516 38.02 -22.90 -16.23
N ASP A 517 38.89 -21.89 -16.24
CA ASP A 517 40.32 -22.08 -15.91
C ASP A 517 40.50 -22.14 -14.38
N ASP A 518 40.18 -23.30 -13.81
CA ASP A 518 40.14 -23.53 -12.36
C ASP A 518 40.94 -24.74 -11.82
N LYS A 519 41.89 -25.26 -12.59
CA LYS A 519 42.78 -26.39 -12.11
C LYS A 519 43.73 -26.01 -10.95
N ASN A 520 44.02 -24.71 -10.84
CA ASN A 520 44.74 -24.12 -9.70
C ASN A 520 44.03 -24.19 -8.33
N LYS A 521 42.71 -24.39 -8.34
CA LYS A 521 41.93 -24.58 -7.12
C LYS A 521 42.24 -25.89 -6.39
N LEU A 522 42.05 -25.87 -5.07
CA LEU A 522 42.45 -26.97 -4.18
C LEU A 522 41.25 -27.75 -3.62
N ASP A 523 40.12 -27.69 -4.34
CA ASP A 523 38.88 -28.33 -3.93
C ASP A 523 39.02 -29.82 -3.59
N GLU A 524 39.71 -30.59 -4.42
CA GLU A 524 40.01 -32.00 -4.10
C GLU A 524 40.83 -32.16 -2.80
N LEU A 525 41.74 -31.21 -2.53
CA LEU A 525 42.56 -31.26 -1.31
C LEU A 525 41.79 -30.88 -0.05
N ASN A 526 40.83 -29.97 -0.19
CA ASN A 526 40.08 -29.37 0.93
C ASN A 526 38.94 -30.27 1.47
N LYS A 527 39.25 -31.05 2.51
CA LYS A 527 38.28 -31.95 3.17
C LYS A 527 37.07 -31.22 3.69
N ARG A 528 37.27 -30.01 4.19
CA ARG A 528 36.19 -29.20 4.74
C ARG A 528 35.51 -28.31 3.72
N LEU A 529 35.77 -28.53 2.42
CA LEU A 529 35.15 -27.68 1.35
C LEU A 529 33.64 -27.53 1.53
N HIS A 530 33.16 -26.29 1.56
CA HIS A 530 31.74 -25.97 1.68
C HIS A 530 31.03 -26.49 2.93
N THR A 531 31.75 -26.77 4.01
CA THR A 531 31.10 -26.98 5.30
C THR A 531 30.62 -25.62 5.84
N LYS A 532 29.64 -25.63 6.74
CA LYS A 532 29.05 -24.42 7.31
C LYS A 532 30.14 -23.47 7.79
N GLY A 533 31.05 -23.98 8.62
CA GLY A 533 32.10 -23.13 9.24
C GLY A 533 31.51 -21.84 9.82
N SER A 534 32.00 -20.71 9.34
CA SER A 534 31.60 -19.37 9.80
C SER A 534 30.55 -18.66 8.91
N THR A 535 30.07 -19.37 7.89
CA THR A 535 29.19 -18.79 6.90
C THR A 535 27.87 -18.27 7.46
N GLU A 536 27.19 -19.09 8.24
CA GLU A 536 25.85 -18.70 8.72
C GLU A 536 25.94 -17.47 9.62
N GLU A 537 26.79 -17.57 10.64
CA GLU A 537 27.09 -16.47 11.57
C GLU A 537 27.34 -15.12 10.85
N ARG A 538 28.14 -15.15 9.79
CA ARG A 538 28.53 -13.91 9.09
C ARG A 538 27.56 -13.48 7.99
N HIS A 539 26.94 -14.42 7.28
CA HIS A 539 26.19 -14.10 6.07
C HIS A 539 24.69 -14.21 6.14
N LEU A 540 24.17 -14.93 7.14
CA LEU A 540 22.73 -15.10 7.33
C LEU A 540 22.39 -14.55 8.72
N LEU A 541 22.10 -13.27 8.77
CA LEU A 541 21.97 -12.57 10.04
C LEU A 541 20.59 -12.67 10.74
N TYR A 542 19.54 -13.03 10.01
CA TYR A 542 18.16 -12.97 10.52
C TYR A 542 17.46 -14.34 10.37
N GLY A 543 18.27 -15.41 10.32
CA GLY A 543 17.77 -16.77 10.16
C GLY A 543 17.52 -17.13 8.73
N ARG A 544 17.35 -18.42 8.45
CA ARG A 544 17.09 -18.80 7.05
C ARG A 544 15.66 -18.38 6.71
N PRO A 545 15.41 -17.92 5.46
CA PRO A 545 14.02 -17.75 5.06
C PRO A 545 13.25 -19.07 5.10
N ALA A 546 12.00 -19.02 5.51
CA ALA A 546 11.15 -20.21 5.45
C ALA A 546 10.53 -20.31 4.05
N VAL A 547 10.58 -21.50 3.45
CA VAL A 547 9.90 -21.78 2.19
C VAL A 547 8.50 -22.28 2.52
N LEU A 548 7.50 -21.50 2.10
CA LEU A 548 6.10 -21.74 2.43
C LEU A 548 5.28 -22.46 1.36
N TYR A 549 5.94 -23.19 0.45
CA TYR A 549 5.29 -24.04 -0.52
C TYR A 549 6.08 -25.31 -0.67
N ARG A 550 5.42 -26.32 -1.24
CA ARG A 550 6.00 -27.65 -1.42
C ARG A 550 7.00 -27.64 -2.56
N THR A 551 8.27 -27.93 -2.25
CA THR A 551 9.32 -27.92 -3.26
C THR A 551 10.52 -28.74 -2.75
N ARG A 552 11.67 -28.62 -3.41
CA ARG A 552 12.90 -29.28 -2.97
C ARG A 552 14.03 -28.31 -3.18
N TYR A 553 14.80 -28.06 -2.12
CA TYR A 553 15.89 -27.09 -2.20
C TYR A 553 17.03 -27.50 -1.29
N ASP A 554 18.20 -26.94 -1.58
CA ASP A 554 19.44 -27.25 -0.89
C ASP A 554 20.03 -25.97 -0.28
N ILE A 555 20.48 -26.04 0.96
CA ILE A 555 21.25 -24.93 1.55
C ILE A 555 22.70 -25.14 1.18
N LEU A 556 23.32 -24.13 0.59
CA LEU A 556 24.69 -24.18 0.12
C LEU A 556 25.52 -23.12 0.86
N TYR A 557 26.58 -23.57 1.55
CA TYR A 557 27.52 -22.71 2.24
C TYR A 557 28.72 -22.40 1.37
N HIS A 558 29.16 -21.15 1.39
CA HIS A 558 30.44 -20.72 0.81
C HIS A 558 31.05 -19.72 1.77
N THR A 559 32.31 -19.38 1.54
CA THR A 559 33.02 -18.32 2.31
C THR A 559 32.30 -16.98 2.35
N ASP A 560 31.83 -16.53 1.20
CA ASP A 560 31.24 -15.18 1.10
C ASP A 560 29.73 -15.09 1.07
N PHE A 561 29.02 -16.22 1.01
CA PHE A 561 27.59 -16.20 0.90
C PHE A 561 26.95 -17.55 1.17
N GLU A 562 25.67 -17.47 1.46
CA GLU A 562 24.83 -18.67 1.68
C GLU A 562 23.64 -18.57 0.75
N SER A 563 23.19 -19.69 0.21
CA SER A 563 22.06 -19.73 -0.69
C SER A 563 21.14 -20.89 -0.39
N GLY A 564 19.91 -20.73 -0.86
CA GLY A 564 18.88 -21.76 -0.83
C GLY A 564 18.56 -22.06 -2.26
N TYR A 565 19.09 -23.17 -2.76
CA TYR A 565 19.12 -23.48 -4.18
C TYR A 565 18.00 -24.41 -4.53
N SER A 566 17.11 -23.98 -5.42
CA SER A 566 15.94 -24.77 -5.80
C SER A 566 16.30 -25.75 -6.87
N GLU A 567 16.07 -27.04 -6.60
CA GLU A 567 16.26 -28.08 -7.60
C GLU A 567 15.12 -28.14 -8.59
N ILE A 568 14.04 -27.36 -8.35
CA ILE A 568 12.92 -27.29 -9.28
C ILE A 568 13.14 -26.15 -10.29
N PHE A 569 13.55 -24.97 -9.83
CA PHE A 569 13.83 -23.83 -10.74
C PHE A 569 15.30 -23.79 -11.21
N LEU A 570 16.16 -24.66 -10.68
CA LEU A 570 17.57 -24.75 -11.06
C LEU A 570 18.35 -23.48 -10.79
N MET A 571 17.95 -22.78 -9.73
CA MET A 571 18.60 -21.54 -9.31
C MET A 571 18.23 -21.24 -7.86
N PRO A 572 18.96 -20.35 -7.21
CA PRO A 572 18.58 -19.99 -5.85
C PRO A 572 17.26 -19.25 -5.76
N LEU A 573 16.51 -19.58 -4.73
CA LEU A 573 15.36 -18.79 -4.31
C LEU A 573 15.82 -17.54 -3.57
N TRP A 574 16.96 -17.65 -2.86
CA TRP A 574 17.56 -16.54 -2.13
C TRP A 574 19.02 -16.79 -2.02
N THR A 575 19.77 -15.70 -1.91
CA THR A 575 21.22 -15.73 -1.70
C THR A 575 21.47 -14.62 -0.68
N SER A 576 22.17 -14.95 0.40
CA SER A 576 22.37 -14.04 1.52
C SER A 576 23.86 -13.78 1.71
N TYR A 577 24.23 -12.53 1.89
CA TYR A 577 25.63 -12.18 2.15
C TYR A 577 25.73 -10.81 2.84
N THR A 578 26.80 -10.64 3.61
CA THR A 578 27.05 -9.45 4.39
C THR A 578 28.25 -8.77 3.78
N VAL A 579 28.12 -7.47 3.61
CA VAL A 579 29.18 -6.61 3.08
C VAL A 579 29.47 -5.56 4.16
N SER A 580 30.70 -5.53 4.65
CA SER A 580 31.07 -4.64 5.73
C SER A 580 31.38 -3.26 5.14
N LYS A 581 31.41 -2.27 6.03
CA LYS A 581 31.57 -0.89 5.65
C LYS A 581 32.84 -0.66 4.81
N GLN A 582 33.89 -1.40 5.11
CA GLN A 582 35.22 -1.26 4.48
C GLN A 582 35.50 -2.42 3.49
N ALA A 583 34.46 -3.07 3.02
CA ALA A 583 34.56 -4.06 1.96
C ALA A 583 35.05 -3.39 0.70
N GLU A 584 35.91 -4.08 -0.05
CA GLU A 584 36.38 -3.56 -1.33
C GLU A 584 35.83 -4.35 -2.51
N VAL A 585 35.87 -3.70 -3.67
CA VAL A 585 35.46 -4.29 -4.92
C VAL A 585 36.74 -4.72 -5.65
N SER A 586 36.78 -5.92 -6.24
CA SER A 586 37.85 -6.35 -7.15
C SER A 586 37.24 -6.80 -8.49
N SER A 587 37.92 -6.55 -9.60
CA SER A 587 37.40 -6.95 -10.91
C SER A 587 37.51 -8.47 -11.14
N VAL A 588 36.97 -8.93 -12.25
CA VAL A 588 37.07 -10.32 -12.68
C VAL A 588 38.34 -10.38 -13.54
N PRO A 589 39.32 -11.25 -13.21
CA PRO A 589 40.48 -11.42 -14.10
C PRO A 589 40.07 -11.98 -15.47
N ASP A 590 40.87 -11.66 -16.50
CA ASP A 590 40.54 -11.97 -17.90
C ASP A 590 40.28 -13.44 -18.16
N HIS A 591 41.17 -14.31 -17.65
CA HIS A 591 40.99 -15.76 -17.76
C HIS A 591 39.68 -16.32 -17.13
N LEU A 592 38.94 -15.52 -16.36
CA LEU A 592 37.66 -15.95 -15.72
C LEU A 592 36.37 -15.27 -16.20
N THR A 593 36.45 -14.36 -17.16
CA THR A 593 35.28 -13.60 -17.64
C THR A 593 34.05 -14.49 -17.98
N SER A 594 34.29 -15.68 -18.51
CA SER A 594 33.23 -16.63 -18.94
C SER A 594 33.27 -17.97 -18.17
N CYS A 595 33.86 -17.93 -16.98
CA CYS A 595 34.00 -19.09 -16.11
C CYS A 595 32.66 -19.42 -15.47
N VAL A 596 32.26 -20.68 -15.63
CA VAL A 596 31.17 -21.27 -14.86
C VAL A 596 31.63 -22.66 -14.46
N ARG A 597 31.46 -23.01 -13.19
CA ARG A 597 32.05 -24.20 -12.59
C ARG A 597 30.91 -25.06 -12.09
N PRO A 598 31.01 -26.38 -12.27
CA PRO A 598 29.97 -27.23 -11.71
C PRO A 598 30.04 -27.25 -10.17
N ASP A 599 28.90 -27.47 -9.55
CA ASP A 599 28.81 -27.56 -8.09
C ASP A 599 28.77 -29.02 -7.68
N VAL A 600 29.86 -29.48 -7.09
CA VAL A 600 29.97 -30.88 -6.63
C VAL A 600 29.00 -31.38 -5.53
N ARG A 601 28.20 -30.49 -4.96
CA ARG A 601 27.11 -30.89 -4.04
C ARG A 601 25.79 -31.17 -4.71
N VAL A 602 25.65 -30.73 -5.97
CA VAL A 602 24.38 -30.65 -6.67
C VAL A 602 24.50 -31.55 -7.90
N SER A 603 23.54 -32.45 -8.04
CA SER A 603 23.50 -33.36 -9.15
C SER A 603 23.55 -32.60 -10.49
N PRO A 604 24.28 -33.17 -11.48
CA PRO A 604 24.22 -32.71 -12.86
C PRO A 604 22.79 -32.54 -13.34
N SER A 605 21.91 -33.47 -12.96
CA SER A 605 20.50 -33.45 -13.39
C SER A 605 19.64 -32.36 -12.75
N PHE A 606 20.15 -31.65 -11.73
CA PHE A 606 19.45 -30.50 -11.13
C PHE A 606 20.33 -29.24 -11.17
N SER A 607 21.13 -29.16 -12.23
CA SER A 607 21.99 -28.04 -12.50
C SER A 607 21.60 -27.42 -13.85
N GLN A 608 21.83 -26.12 -13.98
CA GLN A 608 21.76 -25.45 -15.25
C GLN A 608 22.84 -25.97 -16.18
N ASN A 609 22.67 -25.69 -17.46
CA ASN A 609 23.71 -25.99 -18.45
C ASN A 609 24.04 -24.74 -19.27
N CYS A 610 25.32 -24.59 -19.59
CA CYS A 610 25.83 -23.42 -20.29
C CYS A 610 25.45 -23.39 -21.76
N LEU A 611 25.30 -24.57 -22.38
CA LEU A 611 24.83 -24.69 -23.78
C LEU A 611 23.47 -24.00 -24.02
N ALA A 612 22.60 -24.02 -23.02
CA ALA A 612 21.30 -23.37 -23.13
C ALA A 612 21.44 -21.87 -23.36
N TYR A 613 22.36 -21.22 -22.63
CA TYR A 613 22.65 -19.77 -22.78
C TYR A 613 23.29 -19.33 -24.12
N LYS A 614 24.19 -20.24 -24.55
CA LYS A 614 24.88 -20.17 -25.83
C LYS A 614 23.89 -20.28 -26.98
N ASN A 615 22.93 -21.20 -26.87
CA ASN A 615 21.90 -21.37 -27.90
C ASN A 615 20.80 -20.30 -27.87
N ASP A 616 20.53 -19.73 -26.69
CA ASP A 616 19.57 -18.63 -26.53
C ASP A 616 20.24 -17.27 -26.83
N LYS A 617 19.92 -16.79 -28.03
CA LYS A 617 20.54 -15.58 -28.58
C LYS A 617 20.01 -14.31 -27.91
N GLN A 618 18.88 -14.39 -27.19
CA GLN A 618 18.34 -13.28 -26.38
C GLN A 618 18.83 -13.21 -24.92
N MET A 619 19.26 -14.35 -24.37
CA MET A 619 19.46 -14.49 -22.92
C MET A 619 20.93 -14.67 -22.56
N SER A 620 21.39 -13.91 -21.57
CA SER A 620 22.72 -14.08 -21.00
C SER A 620 22.50 -14.57 -19.57
N TYR A 621 23.51 -14.48 -18.71
CA TYR A 621 23.37 -14.88 -17.32
C TYR A 621 24.10 -13.88 -16.45
N GLY A 622 23.66 -13.81 -15.20
CA GLY A 622 24.39 -13.12 -14.15
C GLY A 622 24.48 -13.97 -12.89
N PHE A 623 24.93 -13.32 -11.84
CA PHE A 623 25.19 -14.01 -10.57
C PHE A 623 24.47 -13.32 -9.45
N LEU A 624 23.97 -14.10 -8.51
CA LEU A 624 23.25 -13.57 -7.36
C LEU A 624 24.20 -13.01 -6.32
N PHE A 625 25.19 -13.80 -5.91
CA PHE A 625 26.37 -13.26 -5.24
C PHE A 625 27.38 -12.74 -6.28
N PRO A 626 27.76 -11.46 -6.23
CA PRO A 626 28.66 -10.93 -7.25
C PRO A 626 30.13 -11.27 -7.04
N PRO A 627 30.79 -11.84 -8.05
CA PRO A 627 32.24 -12.08 -7.94
C PRO A 627 33.08 -10.85 -7.52
N TYR A 628 32.55 -9.67 -7.82
CA TYR A 628 33.19 -8.43 -7.45
C TYR A 628 33.41 -8.25 -5.96
N LEU A 629 32.55 -8.86 -5.13
CA LEU A 629 32.63 -8.72 -3.70
C LEU A 629 33.29 -9.89 -3.01
N SER A 630 34.03 -10.69 -3.77
CA SER A 630 34.78 -11.83 -3.21
C SER A 630 35.80 -11.37 -2.23
N SER A 631 35.98 -12.14 -1.17
CA SER A 631 36.89 -11.79 -0.08
C SER A 631 38.33 -12.21 -0.38
N SER A 632 38.57 -13.03 -1.40
CA SER A 632 39.93 -13.37 -1.85
C SER A 632 39.88 -13.90 -3.27
N PRO A 633 41.01 -13.86 -4.01
CA PRO A 633 41.02 -14.50 -5.35
C PRO A 633 40.50 -15.95 -5.37
N GLU A 634 40.89 -16.73 -4.37
CA GLU A 634 40.44 -18.11 -4.17
C GLU A 634 38.94 -18.17 -4.00
N ALA A 635 38.43 -17.29 -3.14
CA ALA A 635 37.00 -17.28 -2.84
C ALA A 635 36.19 -16.89 -4.06
N LYS A 636 36.76 -16.05 -4.92
CA LYS A 636 36.07 -15.58 -6.14
C LYS A 636 35.58 -16.74 -7.01
N TYR A 637 36.30 -17.86 -7.02
CA TYR A 637 35.89 -19.04 -7.76
C TYR A 637 34.52 -19.63 -7.35
N ASP A 638 34.10 -19.46 -6.09
CA ASP A 638 32.77 -19.88 -5.61
C ASP A 638 31.66 -19.08 -6.24
N ALA A 639 31.93 -17.82 -6.58
CA ALA A 639 30.90 -16.95 -7.16
C ALA A 639 30.58 -17.36 -8.59
N PHE A 640 31.49 -18.09 -9.22
CA PHE A 640 31.27 -18.62 -10.57
C PHE A 640 30.63 -20.02 -10.62
N LEU A 641 30.14 -20.52 -9.49
CA LEU A 641 29.39 -21.77 -9.47
C LEU A 641 28.08 -21.70 -10.25
N VAL A 642 27.77 -22.78 -10.95
CA VAL A 642 26.53 -22.91 -11.71
C VAL A 642 25.27 -22.74 -10.85
N THR A 643 25.39 -23.06 -9.56
CA THR A 643 24.34 -22.84 -8.59
C THR A 643 24.20 -21.39 -8.09
N ASN A 644 25.08 -20.47 -8.54
CA ASN A 644 24.97 -19.03 -8.25
C ASN A 644 24.46 -18.29 -9.50
N MET A 645 24.19 -19.01 -10.58
CA MET A 645 23.92 -18.41 -11.88
C MET A 645 22.39 -18.22 -12.07
N VAL A 646 22.03 -17.13 -12.71
CA VAL A 646 20.62 -16.86 -13.03
C VAL A 646 20.48 -16.27 -14.45
N PRO A 647 19.36 -16.52 -15.13
CA PRO A 647 19.24 -15.98 -16.49
C PRO A 647 18.94 -14.46 -16.51
N MET A 648 19.74 -13.72 -17.29
CA MET A 648 19.59 -12.27 -17.39
C MET A 648 19.72 -11.78 -18.80
N TYR A 649 18.83 -10.86 -19.16
CA TYR A 649 18.90 -10.23 -20.45
C TYR A 649 20.10 -9.27 -20.40
N PRO A 650 20.83 -9.13 -21.52
CA PRO A 650 21.92 -8.15 -21.60
C PRO A 650 21.53 -6.75 -21.13
N ALA A 651 20.35 -6.29 -21.55
CA ALA A 651 19.83 -5.01 -21.12
C ALA A 651 19.77 -4.93 -19.61
N PHE A 652 19.20 -5.95 -18.97
CA PHE A 652 19.06 -6.00 -17.54
C PHE A 652 20.44 -6.11 -16.80
N LYS A 653 21.41 -6.80 -17.42
CA LYS A 653 22.75 -6.92 -16.86
C LYS A 653 23.42 -5.55 -16.63
N ARG A 654 23.08 -4.55 -17.42
CA ARG A 654 23.57 -3.17 -17.21
C ARG A 654 23.12 -2.68 -15.84
N VAL A 655 21.87 -3.00 -15.49
CA VAL A 655 21.30 -2.63 -14.20
C VAL A 655 21.93 -3.44 -13.07
N TRP A 656 21.85 -4.75 -13.22
CA TRP A 656 22.28 -5.67 -12.20
C TRP A 656 23.79 -5.49 -11.89
N ASN A 657 24.63 -5.37 -12.92
CA ASN A 657 26.08 -5.15 -12.71
C ASN A 657 26.39 -3.88 -11.94
N TYR A 658 25.75 -2.77 -12.34
CA TYR A 658 25.87 -1.54 -11.59
C TYR A 658 25.44 -1.67 -10.14
N PHE A 659 24.28 -2.28 -9.89
CA PHE A 659 23.84 -2.55 -8.53
C PHE A 659 24.89 -3.31 -7.71
N GLN A 660 25.31 -4.45 -8.23
CA GLN A 660 26.32 -5.30 -7.56
C GLN A 660 27.73 -4.76 -7.38
N ARG A 661 28.25 -4.15 -8.46
CA ARG A 661 29.58 -3.59 -8.52
C ARG A 661 29.73 -2.25 -7.80
N VAL A 662 28.73 -1.36 -7.93
CA VAL A 662 28.80 0.01 -7.40
C VAL A 662 27.89 0.23 -6.17
N LEU A 663 26.60 -0.11 -6.29
CA LEU A 663 25.64 0.28 -5.29
C LEU A 663 25.69 -0.51 -3.99
N VAL A 664 25.97 -1.82 -4.03
CA VAL A 664 26.04 -2.58 -2.79
C VAL A 664 27.12 -1.99 -1.87
N LYS A 665 28.30 -1.72 -2.41
CA LYS A 665 29.41 -1.18 -1.64
C LYS A 665 29.09 0.24 -1.15
N LYS A 666 28.43 1.05 -1.98
CA LYS A 666 27.95 2.37 -1.56
C LYS A 666 27.06 2.28 -0.31
N TYR A 667 26.09 1.38 -0.38
CA TYR A 667 25.17 1.12 0.71
C TYR A 667 25.89 0.65 1.95
N ALA A 668 26.85 -0.28 1.80
CA ALA A 668 27.65 -0.71 2.96
C ALA A 668 28.38 0.45 3.57
N SER A 669 28.92 1.31 2.71
CA SER A 669 29.68 2.43 3.17
C SER A 669 28.79 3.42 3.93
N GLU A 670 27.61 3.68 3.39
CA GLU A 670 26.65 4.60 4.02
C GLU A 670 25.95 4.09 5.26
N ARG A 671 25.71 2.79 5.36
CA ARG A 671 24.91 2.18 6.42
C ARG A 671 25.67 1.40 7.49
N ASN A 672 27.00 1.48 7.46
CA ASN A 672 27.89 0.73 8.32
C ASN A 672 27.74 -0.77 8.11
N GLY A 673 27.91 -1.16 6.85
CA GLY A 673 27.67 -2.54 6.43
C GLY A 673 26.24 -2.81 6.06
N VAL A 674 26.03 -3.73 5.15
CA VAL A 674 24.69 -4.22 4.87
C VAL A 674 24.68 -5.73 4.74
N ASN A 675 23.54 -6.33 5.05
CA ASN A 675 23.24 -7.70 4.70
C ASN A 675 22.34 -7.63 3.50
N VAL A 676 22.65 -8.44 2.49
CA VAL A 676 21.88 -8.45 1.26
C VAL A 676 21.28 -9.84 1.02
N ILE A 677 19.98 -9.90 0.77
CA ILE A 677 19.35 -11.13 0.27
C ILE A 677 18.74 -10.81 -1.10
N SER A 678 19.19 -11.54 -2.12
CA SER A 678 18.70 -11.37 -3.51
C SER A 678 18.15 -12.67 -4.03
N GLY A 679 17.25 -12.56 -4.98
CA GLY A 679 16.68 -13.73 -5.60
C GLY A 679 15.79 -13.36 -6.78
N PRO A 680 15.22 -14.39 -7.43
CA PRO A 680 14.36 -14.27 -8.57
C PRO A 680 12.92 -14.24 -8.15
N ILE A 681 12.11 -13.59 -8.96
CA ILE A 681 10.66 -13.65 -8.87
C ILE A 681 10.07 -14.09 -10.22
N PHE A 682 9.04 -14.94 -10.12
CA PHE A 682 8.23 -15.41 -11.23
C PHE A 682 6.78 -14.96 -10.98
N ASP A 683 6.33 -13.94 -11.72
CA ASP A 683 4.95 -13.50 -11.67
C ASP A 683 4.40 -13.16 -13.07
N TYR A 684 4.24 -14.21 -13.89
CA TYR A 684 3.83 -14.09 -15.29
C TYR A 684 2.37 -13.63 -15.46
N ASP A 685 1.52 -13.93 -14.47
CA ASP A 685 0.09 -13.52 -14.49
C ASP A 685 -0.17 -12.25 -13.66
N TYR A 686 0.90 -11.52 -13.30
CA TYR A 686 0.87 -10.22 -12.61
C TYR A 686 -0.17 -10.11 -11.46
N ASP A 687 -0.23 -11.16 -10.64
CA ASP A 687 -1.16 -11.17 -9.49
C ASP A 687 -0.50 -10.84 -8.16
N GLY A 688 0.79 -10.45 -8.19
CA GLY A 688 1.59 -10.18 -6.99
C GLY A 688 1.96 -11.44 -6.18
N LEU A 689 1.71 -12.62 -6.76
CA LEU A 689 1.82 -13.92 -6.06
C LEU A 689 2.80 -14.83 -6.80
N HIS A 690 3.62 -15.54 -6.04
CA HIS A 690 4.56 -16.53 -6.56
C HIS A 690 3.87 -17.47 -7.53
N ASP A 691 4.40 -17.60 -8.74
CA ASP A 691 3.83 -18.48 -9.76
C ASP A 691 4.04 -19.96 -9.43
N THR A 692 3.00 -20.75 -9.69
CA THR A 692 3.15 -22.21 -9.83
C THR A 692 3.81 -22.49 -11.18
N GLU A 693 4.38 -23.69 -11.32
CA GLU A 693 5.11 -24.08 -12.54
C GLU A 693 4.30 -23.90 -13.84
N ASP A 694 2.98 -24.15 -13.78
CA ASP A 694 2.10 -24.03 -14.94
C ASP A 694 2.01 -22.60 -15.46
N LYS A 695 2.15 -21.64 -14.56
CA LYS A 695 2.06 -20.23 -14.90
C LYS A 695 3.31 -19.66 -15.56
N ILE A 696 4.45 -20.35 -15.47
CA ILE A 696 5.72 -19.82 -15.98
C ILE A 696 5.72 -19.97 -17.50
N LYS A 697 5.88 -18.85 -18.20
CA LYS A 697 5.69 -18.83 -19.67
C LYS A 697 6.98 -18.67 -20.49
N GLN A 698 8.13 -18.60 -19.84
CA GLN A 698 9.39 -18.48 -20.58
C GLN A 698 10.50 -19.25 -19.92
N TYR A 699 11.27 -19.93 -20.78
CA TYR A 699 12.39 -20.70 -20.40
C TYR A 699 13.57 -20.29 -21.25
N VAL A 700 14.76 -20.51 -20.74
CA VAL A 700 15.94 -20.35 -21.56
C VAL A 700 15.83 -21.43 -22.63
N GLU A 701 16.05 -21.01 -23.87
CA GLU A 701 15.88 -21.82 -25.09
C GLU A 701 16.31 -23.29 -24.96
N GLY A 702 15.35 -24.18 -25.15
CA GLY A 702 15.60 -25.61 -25.15
C GLY A 702 15.78 -26.24 -23.77
N SER A 703 15.57 -25.47 -22.71
CA SER A 703 15.87 -25.94 -21.36
C SER A 703 14.64 -25.88 -20.49
N SER A 704 14.78 -26.34 -19.25
CA SER A 704 13.78 -26.12 -18.22
C SER A 704 14.21 -25.10 -17.16
N ILE A 705 15.11 -24.18 -17.55
CA ILE A 705 15.55 -23.08 -16.72
C ILE A 705 14.53 -21.97 -16.94
N PRO A 706 13.68 -21.70 -15.94
CA PRO A 706 12.67 -20.65 -16.09
C PRO A 706 13.26 -19.26 -16.03
N VAL A 707 12.64 -18.33 -16.72
CA VAL A 707 13.12 -16.94 -16.77
C VAL A 707 12.34 -16.08 -15.77
N PRO A 708 13.03 -15.47 -14.77
CA PRO A 708 12.29 -14.63 -13.84
C PRO A 708 11.69 -13.39 -14.50
N THR A 709 10.54 -12.97 -14.00
CA THR A 709 9.92 -11.70 -14.42
C THR A 709 10.59 -10.52 -13.71
N HIS A 710 11.15 -10.79 -12.52
CA HIS A 710 11.75 -9.80 -11.66
C HIS A 710 12.91 -10.39 -10.84
N TYR A 711 13.77 -9.50 -10.38
CA TYR A 711 14.81 -9.85 -9.42
C TYR A 711 14.64 -8.92 -8.23
N TYR A 712 14.69 -9.49 -7.02
CA TYR A 712 14.61 -8.70 -5.80
C TYR A 712 15.94 -8.60 -5.04
N SER A 713 15.99 -7.62 -4.15
CA SER A 713 17.03 -7.58 -3.11
C SER A 713 16.45 -6.92 -1.88
N ILE A 714 16.79 -7.47 -0.71
CA ILE A 714 16.45 -6.89 0.58
C ILE A 714 17.78 -6.51 1.24
N ILE A 715 17.95 -5.23 1.57
CA ILE A 715 19.19 -4.69 2.07
C ILE A 715 18.94 -4.19 3.51
N THR A 716 19.56 -4.86 4.46
CA THR A 716 19.26 -4.62 5.88
C THR A 716 20.53 -4.17 6.60
N SER A 717 20.35 -3.25 7.53
CA SER A 717 21.46 -2.76 8.36
C SER A 717 20.86 -2.39 9.72
N CYS A 718 21.68 -1.82 10.60
CA CYS A 718 21.22 -1.43 11.93
C CYS A 718 20.62 -0.04 11.85
N LEU A 719 19.44 0.17 12.43
CA LEU A 719 18.86 1.51 12.51
C LEU A 719 19.81 2.49 13.17
N ASP A 720 20.47 2.04 14.23
CA ASP A 720 21.59 2.75 14.80
C ASP A 720 22.82 2.46 13.95
N PHE A 721 23.05 3.37 13.01
CA PHE A 721 24.15 3.22 12.03
C PHE A 721 25.55 3.34 12.64
N THR A 722 25.65 3.62 13.95
CA THR A 722 26.94 3.55 14.62
C THR A 722 27.33 2.11 14.96
N GLN A 723 26.36 1.19 14.92
CA GLN A 723 26.63 -0.23 15.06
C GLN A 723 26.72 -0.88 13.67
N PRO A 724 27.74 -1.72 13.44
CA PRO A 724 27.78 -2.44 12.17
C PRO A 724 26.63 -3.42 12.03
N ALA A 725 26.26 -3.71 10.76
CA ALA A 725 25.11 -4.54 10.44
C ALA A 725 25.18 -5.92 11.10
N ASP A 726 26.36 -6.51 11.16
CA ASP A 726 26.51 -7.83 11.82
C ASP A 726 26.58 -7.82 13.36
N LYS A 727 26.50 -6.66 14.01
CA LYS A 727 26.55 -6.53 15.48
C LYS A 727 25.55 -5.49 15.97
N CYS A 728 24.31 -5.64 15.54
CA CYS A 728 23.25 -4.71 15.81
C CYS A 728 22.43 -5.23 17.01
N ASP A 729 22.28 -4.39 18.04
CA ASP A 729 21.58 -4.73 19.28
C ASP A 729 20.09 -4.47 19.22
N GLY A 730 19.65 -3.60 18.32
CA GLY A 730 18.32 -3.02 18.41
C GLY A 730 17.58 -3.10 17.10
N PRO A 731 16.71 -2.11 16.85
CA PRO A 731 15.92 -2.10 15.63
C PRO A 731 16.77 -2.11 14.37
N LEU A 732 16.20 -2.70 13.33
CA LEU A 732 16.81 -2.86 12.04
C LEU A 732 16.35 -1.77 11.13
N SER A 733 17.12 -1.54 10.06
CA SER A 733 16.76 -0.62 9.00
C SER A 733 16.75 -1.43 7.71
N VAL A 734 15.67 -1.35 6.95
CA VAL A 734 15.54 -2.11 5.71
C VAL A 734 15.14 -1.25 4.52
N SER A 735 15.68 -1.57 3.35
CA SER A 735 15.20 -1.05 2.06
C SER A 735 15.24 -2.17 1.06
N SER A 736 14.25 -2.25 0.17
CA SER A 736 14.13 -3.37 -0.73
C SER A 736 13.66 -2.89 -2.08
N PHE A 737 13.89 -3.72 -3.08
CA PHE A 737 13.37 -3.45 -4.44
C PHE A 737 12.98 -4.68 -5.15
N ILE A 738 12.14 -4.49 -6.18
CA ILE A 738 11.70 -5.56 -7.08
C ILE A 738 11.90 -5.02 -8.49
N LEU A 739 13.01 -5.37 -9.11
CA LEU A 739 13.35 -4.84 -10.43
C LEU A 739 12.76 -5.70 -11.54
N PRO A 740 12.06 -5.06 -12.51
CA PRO A 740 11.56 -5.78 -13.70
C PRO A 740 12.69 -6.32 -14.56
N HIS A 741 12.61 -7.62 -14.81
CA HIS A 741 13.56 -8.31 -15.67
C HIS A 741 13.17 -8.14 -17.13
N ARG A 742 13.60 -7.02 -17.72
CA ARG A 742 13.17 -6.65 -19.06
C ARG A 742 14.31 -6.77 -20.08
N PRO A 743 13.97 -7.12 -21.33
CA PRO A 743 14.98 -7.24 -22.36
C PRO A 743 15.43 -5.91 -22.94
N ASP A 744 14.91 -4.78 -22.47
CA ASP A 744 15.36 -3.46 -22.93
C ASP A 744 15.28 -2.49 -21.78
N ASN A 745 15.85 -1.32 -21.96
CA ASN A 745 15.79 -0.25 -20.95
C ASN A 745 14.96 0.96 -21.45
N GLU A 746 13.86 0.68 -22.16
CA GLU A 746 12.97 1.73 -22.68
C GLU A 746 12.31 2.58 -21.57
N GLU A 747 12.12 1.99 -20.40
CA GLU A 747 11.64 2.69 -19.18
C GLU A 747 12.55 3.85 -18.77
N SER A 748 13.87 3.67 -18.95
CA SER A 748 14.88 4.65 -18.54
C SER A 748 15.29 5.47 -19.73
N CYS A 749 14.69 6.66 -19.83
CA CYS A 749 14.96 7.56 -20.93
C CYS A 749 16.45 7.98 -21.09
N ASN A 750 17.24 7.95 -20.03
CA ASN A 750 18.67 8.35 -20.12
C ASN A 750 19.60 7.13 -20.13
N SER A 751 19.07 5.95 -20.47
CA SER A 751 19.87 4.70 -20.44
C SER A 751 21.01 4.57 -21.48
N SER A 752 21.06 5.43 -22.50
CA SER A 752 22.23 5.49 -23.36
C SER A 752 23.49 6.07 -22.64
N GLU A 753 23.27 6.78 -21.53
CA GLU A 753 24.36 7.32 -20.74
C GLU A 753 24.93 6.27 -19.80
N ASP A 754 26.02 6.65 -19.14
CA ASP A 754 26.65 5.83 -18.11
C ASP A 754 25.62 5.50 -17.02
N GLU A 755 25.70 4.27 -16.50
CA GLU A 755 24.76 3.74 -15.51
C GLU A 755 24.61 4.56 -14.23
N SER A 756 25.63 5.36 -13.91
CA SER A 756 25.56 6.31 -12.80
C SER A 756 24.58 7.44 -13.03
N LYS A 757 24.14 7.62 -14.28
CA LYS A 757 23.10 8.63 -14.64
C LYS A 757 21.64 8.14 -14.68
N TRP A 758 21.39 6.85 -14.44
CA TRP A 758 20.01 6.30 -14.55
C TRP A 758 19.62 5.07 -13.75
N VAL A 759 20.55 4.16 -13.42
CA VAL A 759 20.20 2.95 -12.76
C VAL A 759 19.60 3.19 -11.36
N GLU A 760 20.17 4.11 -10.59
CA GLU A 760 19.65 4.35 -9.24
C GLU A 760 18.24 4.91 -9.27
N GLU A 761 17.98 5.79 -10.21
CA GLU A 761 16.64 6.30 -10.44
C GLU A 761 15.62 5.17 -10.73
N LEU A 762 16.00 4.22 -11.60
CA LEU A 762 15.17 3.06 -11.90
C LEU A 762 14.87 2.29 -10.65
N MET A 763 15.91 1.96 -9.89
CA MET A 763 15.74 1.20 -8.66
C MET A 763 14.84 1.86 -7.61
N LYS A 764 14.97 3.16 -7.42
CA LYS A 764 14.13 3.89 -6.46
C LYS A 764 12.65 3.86 -6.83
N MET A 765 12.35 3.98 -8.12
CA MET A 765 11.00 3.78 -8.65
C MET A 765 10.44 2.40 -8.31
N HIS A 766 11.30 1.39 -8.29
CA HIS A 766 10.86 0.01 -8.03
C HIS A 766 11.17 -0.46 -6.60
N THR A 767 11.28 0.52 -5.70
CA THR A 767 11.32 0.23 -4.27
C THR A 767 10.11 -0.63 -3.83
N ALA A 768 10.32 -1.42 -2.81
CA ALA A 768 9.28 -2.36 -2.35
C ALA A 768 9.34 -2.65 -0.87
N ARG A 769 8.26 -3.25 -0.38
CA ARG A 769 8.18 -3.71 0.98
C ARG A 769 8.72 -5.13 0.98
N VAL A 770 9.34 -5.52 2.09
CA VAL A 770 9.68 -6.94 2.26
C VAL A 770 8.44 -7.79 2.08
N ARG A 771 7.30 -7.34 2.59
CA ARG A 771 6.05 -8.08 2.42
C ARG A 771 5.65 -8.37 0.94
N ASP A 772 5.93 -7.43 0.04
CA ASP A 772 5.66 -7.55 -1.39
C ASP A 772 6.50 -8.69 -1.97
N ILE A 773 7.77 -8.77 -1.55
CA ILE A 773 8.66 -9.88 -1.95
C ILE A 773 8.21 -11.24 -1.39
N GLU A 774 7.84 -11.26 -0.11
CA GLU A 774 7.21 -12.45 0.49
C GLU A 774 6.03 -12.99 -0.30
N HIS A 775 5.11 -12.11 -0.73
CA HIS A 775 3.97 -12.59 -1.55
C HIS A 775 4.47 -13.16 -2.90
N LEU A 776 5.45 -12.48 -3.49
CA LEU A 776 5.95 -12.82 -4.81
C LEU A 776 6.84 -14.06 -4.81
N THR A 777 7.39 -14.43 -3.65
CA THR A 777 8.31 -15.61 -3.55
C THR A 777 7.80 -16.81 -2.72
N SER A 778 6.74 -16.59 -1.93
CA SER A 778 6.31 -17.55 -0.88
C SER A 778 7.46 -17.98 0.04
N LEU A 779 8.23 -16.99 0.44
CA LEU A 779 9.27 -17.09 1.44
C LEU A 779 8.88 -16.19 2.59
N ASP A 780 9.45 -16.47 3.76
CA ASP A 780 9.21 -15.67 4.95
C ASP A 780 10.54 -15.33 5.59
N PHE A 781 10.84 -14.03 5.61
CA PHE A 781 12.14 -13.49 6.08
C PHE A 781 12.11 -13.01 7.54
N PHE A 782 13.28 -12.75 8.06
CA PHE A 782 13.48 -12.22 9.42
C PHE A 782 12.89 -13.08 10.54
N ARG A 783 13.06 -14.40 10.42
CA ARG A 783 12.47 -15.32 11.36
C ARG A 783 13.28 -15.45 12.67
N LYS A 784 14.58 -15.14 12.65
CA LYS A 784 15.45 -15.27 13.86
C LYS A 784 16.12 -13.96 14.15
N THR A 785 15.53 -13.17 15.02
CA THR A 785 16.06 -11.84 15.35
C THR A 785 15.90 -11.63 16.85
N SER A 786 16.45 -10.52 17.37
CA SER A 786 16.27 -10.12 18.75
C SER A 786 14.97 -9.29 18.97
N ARG A 787 14.20 -9.06 17.90
CA ARG A 787 13.02 -8.21 17.94
C ARG A 787 11.74 -9.03 18.13
N SER A 788 10.69 -8.39 18.61
CA SER A 788 9.40 -9.07 18.74
C SER A 788 8.80 -9.32 17.32
N TYR A 789 7.92 -10.28 17.21
CA TYR A 789 7.34 -10.59 15.90
C TYR A 789 6.46 -9.43 15.35
N PRO A 790 5.67 -8.75 16.21
CA PRO A 790 4.96 -7.56 15.73
C PRO A 790 5.90 -6.45 15.22
N GLU A 791 7.06 -6.26 15.87
CA GLU A 791 8.08 -5.32 15.39
C GLU A 791 8.59 -5.70 14.02
N ILE A 792 8.87 -6.98 13.85
CA ILE A 792 9.25 -7.51 12.57
C ILE A 792 8.16 -7.34 11.49
N LEU A 793 6.91 -7.46 11.84
CA LEU A 793 5.83 -7.25 10.85
C LEU A 793 5.76 -5.78 10.39
N THR A 794 5.97 -4.88 11.33
CA THR A 794 6.18 -3.47 11.00
C THR A 794 7.35 -3.31 10.06
N LEU A 795 8.52 -3.85 10.41
CA LEU A 795 9.68 -3.80 9.52
C LEU A 795 9.40 -4.24 8.08
N LYS A 796 8.71 -5.35 7.94
CA LYS A 796 8.40 -5.96 6.64
C LYS A 796 7.34 -5.21 5.82
N THR A 797 6.53 -4.39 6.46
CA THR A 797 5.59 -3.51 5.77
C THR A 797 6.20 -2.17 5.40
N TYR A 798 7.39 -1.85 5.90
CA TYR A 798 8.04 -0.56 5.61
C TYR A 798 8.34 -0.42 4.12
N LEU A 799 8.16 0.80 3.59
CA LEU A 799 8.50 1.15 2.21
C LEU A 799 9.46 2.34 2.25
N HIS A 800 10.67 2.13 1.75
CA HIS A 800 11.60 3.24 1.57
C HIS A 800 11.19 4.01 0.31
N THR A 801 10.65 5.21 0.49
CA THR A 801 10.01 5.94 -0.65
C THR A 801 10.97 6.83 -1.45
N TYR A 802 12.05 7.27 -0.82
CA TYR A 802 13.03 8.22 -1.44
C TYR A 802 12.50 9.62 -1.73
N GLU A 803 11.46 10.03 -1.00
CA GLU A 803 10.88 11.36 -1.10
C GLU A 803 11.60 12.37 -0.21
C1 NAG B . -4.83 -9.34 -1.39
C2 NAG B . -4.01 -10.35 -2.17
C3 NAG B . -4.92 -11.08 -3.14
C4 NAG B . -6.13 -11.63 -2.37
C5 NAG B . -6.82 -10.61 -1.43
C6 NAG B . -7.81 -11.29 -0.47
C7 NAG B . -1.65 -9.86 -2.67
C8 NAG B . -0.67 -9.14 -3.54
N2 NAG B . -2.95 -9.69 -2.89
O3 NAG B . -4.19 -12.12 -3.76
O4 NAG B . -7.07 -11.96 -3.33
O5 NAG B . -5.85 -9.97 -0.64
O6 NAG B . -7.11 -12.27 0.28
O7 NAG B . -1.22 -10.61 -1.81
C1 NAG B . -7.52 -13.30 -3.28
C2 NAG B . -8.88 -13.34 -3.96
C3 NAG B . -9.40 -14.78 -4.00
C4 NAG B . -8.34 -15.75 -4.51
C5 NAG B . -7.00 -15.54 -3.83
C6 NAG B . -5.88 -16.43 -4.39
C7 NAG B . -10.10 -11.20 -3.57
C8 NAG B . -11.17 -10.51 -2.77
N2 NAG B . -9.86 -12.48 -3.30
O3 NAG B . -10.50 -14.80 -4.85
O4 NAG B . -8.73 -17.08 -4.20
O5 NAG B . -6.63 -14.18 -3.96
O6 NAG B . -5.77 -16.16 -5.76
O7 NAG B . -9.48 -10.58 -4.44
C1 BMA B . -9.43 -17.78 -5.22
C2 BMA B . -9.12 -19.26 -5.08
C3 BMA B . -9.94 -20.10 -6.06
C4 BMA B . -11.42 -19.74 -5.90
C5 BMA B . -11.65 -18.22 -5.93
C6 BMA B . -13.08 -17.88 -5.54
O2 BMA B . -9.51 -19.62 -3.75
O3 BMA B . -9.68 -21.51 -5.85
O4 BMA B . -12.21 -20.26 -6.97
O5 BMA B . -10.81 -17.57 -5.02
O6 BMA B . -13.16 -16.47 -5.74
C1 MAN B . -14.50 -15.99 -5.54
C2 MAN B . -14.53 -14.54 -6.04
C3 MAN B . -13.75 -13.68 -5.05
C4 MAN B . -14.33 -13.83 -3.64
C5 MAN B . -14.16 -15.29 -3.25
C6 MAN B . -14.67 -15.56 -1.83
O2 MAN B . -15.86 -14.10 -6.18
O3 MAN B . -13.73 -12.31 -5.27
O4 MAN B . -13.68 -13.00 -2.69
O5 MAN B . -14.91 -16.05 -4.19
O6 MAN B . -16.03 -15.21 -1.82
C1 MAN B . -13.21 -11.80 -6.54
C2 MAN B . -12.71 -10.30 -6.60
C3 MAN B . -13.89 -9.31 -6.58
C4 MAN B . -14.87 -9.67 -7.71
C5 MAN B . -15.18 -11.19 -7.82
C6 MAN B . -15.93 -11.51 -9.10
O2 MAN B . -12.01 -10.19 -7.83
O3 MAN B . -13.42 -8.00 -6.63
O4 MAN B . -16.07 -8.93 -7.52
O5 MAN B . -14.01 -12.02 -7.68
O6 MAN B . -16.57 -12.75 -8.89
C1 MAN B . -10.60 -10.21 -7.58
C2 MAN B . -9.95 -9.48 -8.73
C3 MAN B . -9.96 -10.30 -10.02
C4 MAN B . -9.43 -11.72 -9.77
C5 MAN B . -10.25 -12.37 -8.64
C6 MAN B . -9.69 -13.77 -8.28
O2 MAN B . -8.66 -9.26 -8.34
O3 MAN B . -9.22 -9.62 -11.00
O4 MAN B . -9.50 -12.45 -10.97
O5 MAN B . -10.12 -11.54 -7.47
O6 MAN B . -10.67 -14.52 -7.61
C1 MAN B . -16.70 -15.26 -0.53
C2 MAN B . -18.09 -14.66 -0.73
C3 MAN B . -17.99 -13.14 -0.92
C4 MAN B . -17.24 -12.52 0.26
C5 MAN B . -15.87 -13.19 0.46
C6 MAN B . -15.18 -12.70 1.74
O2 MAN B . -18.92 -14.97 0.38
O3 MAN B . -19.28 -12.59 -1.08
O4 MAN B . -17.07 -11.14 0.05
O5 MAN B . -16.01 -14.59 0.52
O6 MAN B . -13.76 -12.59 1.60
C1 NAG C . 3.97 7.48 -34.48
C2 NAG C . 2.62 7.37 -35.21
C3 NAG C . 2.89 7.44 -36.71
C4 NAG C . 3.66 8.73 -37.02
C5 NAG C . 4.88 8.92 -36.10
C6 NAG C . 5.54 10.28 -36.29
C7 NAG C . 0.96 6.13 -33.88
C8 NAG C . 0.33 4.81 -33.54
N2 NAG C . 1.93 6.16 -34.80
O3 NAG C . 1.68 7.54 -37.40
O4 NAG C . 4.10 8.69 -38.34
O5 NAG C . 4.43 8.78 -34.77
O6 NAG C . 6.71 10.38 -35.50
O7 NAG C . 0.56 7.13 -33.29
C2 SKV D . -13.76 4.38 5.64
C5 SKV D . -15.04 4.72 4.95
C6 SKV D . -15.40 4.03 3.82
C7 SKV D . -16.59 4.33 3.14
C8 SKV D . -17.42 5.35 3.65
C11 SKV D . -15.86 5.74 5.42
C12 SKV D . -16.92 3.52 1.96
C15 SKV D . -18.48 2.89 0.16
C17 SKV D . -18.39 3.65 -1.16
C18 SKV D . -16.98 4.20 -1.36
C19 SKV D . -19.43 4.79 -1.27
N22 SKV D . -20.49 1.38 -0.02
C23 SKV D . -19.97 0.62 -1.15
C24 SKV D . -20.82 1.17 -2.33
C27 SKV D . -21.86 0.94 0.35
O29 SKV D . -22.21 -1.43 -1.79
C31 SKV D . -24.00 -1.75 -4.02
C32 SKV D . -23.73 0.71 -3.90
C35 SKV D . -23.15 3.05 -3.41
C36 SKV D . -24.18 3.79 -2.87
C37 SKV D . -24.20 5.17 -3.07
C38 SKV D . -25.13 6.23 -2.67
F1 SKV D . -13.40 3.10 5.32
F3 SKV D . -12.81 5.34 5.34
F4 SKV D . -13.86 4.31 7.00
F9 SKV D . -18.60 5.63 3.06
C10 SKV D . -17.05 6.03 4.77
O13 SKV D . -16.13 2.67 1.54
N14 SKV D . -18.09 3.69 1.31
C20 SKV D . -19.89 2.43 0.54
O21 SKV D . -20.47 3.02 1.46
C25 SKV D . -22.33 0.96 -2.16
C26 SKV D . -22.80 1.41 -0.78
C28 SKV D . -22.63 -0.49 -2.41
N30 SKV D . -23.46 -0.51 -3.46
O33 SKV D . -24.46 0.97 -4.82
N34 SKV D . -23.09 1.66 -3.21
N39 SKV D . -24.65 7.34 -3.11
N40 SKV D . -23.45 7.15 -3.83
C42 SKV D . -23.18 5.81 -3.79
C43 SKV D . -22.15 5.03 -4.31
C44 SKV D . -22.16 3.68 -4.13
ZN ZN E . -11.34 12.02 -2.28
ZN ZN F . -10.81 15.46 -5.66
CA CA G . 16.22 3.80 -22.54
CA CA H . 1.63 -15.04 -10.09
MG MG I . 22.81 -15.88 -24.98
MG MG J . 33.56 -20.81 -19.70
S SCN K . 7.79 8.52 12.90
C SCN K . 7.68 7.81 14.24
N SCN K . 7.58 7.26 15.29
CL CL L . -13.67 -8.75 -11.90
CL CL M . -13.70 4.73 -18.12
CL CL N . 18.87 5.03 16.57
CL CL O . -6.07 3.56 -33.11
CL CL P . 43.06 -15.77 -9.78
CL CL Q . -27.99 13.21 -3.48
I IOD R . -14.55 22.18 0.34
I IOD S . 12.78 -3.87 13.80
I IOD T . 41.69 -22.99 -2.88
I IOD U . 30.81 -28.78 -16.77
CL CL V . 25.84 -9.17 -21.76
CL CL W . 5.99 -16.19 16.64
CL CL X . 8.83 -31.20 -5.13
CL CL Y . 43.03 -24.97 -16.02
S SCN Z . -0.69 3.92 26.29
C SCN Z . -0.31 2.48 26.17
N SCN Z . -0.03 1.36 26.07
S SCN AA . -35.84 11.24 -3.50
C SCN AA . -36.03 12.18 -2.39
N SCN AA . -36.20 12.92 -1.52
I IOD BA . -9.76 7.41 -12.30
CL CL CA . 28.98 -5.57 8.87
CL CL DA . -17.58 -1.45 27.08
#